data_3AIL
#
_entry.id   3AIL
#
_cell.length_a   76.323
_cell.length_b   114.367
_cell.length_c   101.892
_cell.angle_alpha   90.00
_cell.angle_beta   108.44
_cell.angle_gamma   90.00
#
_symmetry.space_group_name_H-M   'P 1 21 1'
#
loop_
_entity.id
_entity.type
_entity.pdbx_description
1 polymer '303aa long hypothetical esterase'
2 non-polymer 'DIETHYL PHOSPHONATE'
3 non-polymer (4R)-2-METHYLPENTANE-2,4-DIOL
4 non-polymer 'PHOSPHATE ION'
5 water water
#
_entity_poly.entity_id   1
_entity_poly.type   'polypeptide(L)'
_entity_poly.pdbx_seq_one_letter_code
;MGSSHHHHHHSSGLVPRGSHMIDPKIKKLLESTIQLPIGKASVEEIRSLFKQFSSLTPREEVGKIEDITIPGSETNIKAR
VYYPKTQGPYGVLVYYHGGGFVLGDIESYDPLCRAITNSCQCVTISVDYRLAPENKFPAAVVDSFDALKWVYNNSEKFNG
KYGIAVGGDSAGGNLAAVTAILSKKENIKLKYQVLIYPAVSFDLITKSLYDNGEGFFLTREHIDWFGQQYLRSFADLLDF
RFSPILADLNDLPPALIITAEHDPLRDQGEAYANKLLQSGVQVTSVRFNNVIHGFVSFFPFIEQGRDAIGLIGYVLRKVF
YGK
;
_entity_poly.pdbx_strand_id   A,B,C,D
#
# COMPACT_ATOMS: atom_id res chain seq x y z
N ALA A 41 4.86 -30.35 20.33
CA ALA A 41 5.50 -31.42 19.49
C ALA A 41 6.98 -31.13 19.28
N SER A 42 7.80 -32.18 19.26
CA SER A 42 9.23 -32.02 18.93
C SER A 42 9.45 -31.61 17.47
N VAL A 43 10.63 -31.10 17.17
CA VAL A 43 10.97 -30.81 15.80
C VAL A 43 10.88 -32.10 14.97
N GLU A 44 11.39 -33.21 15.49
CA GLU A 44 11.25 -34.48 14.77
C GLU A 44 9.78 -34.83 14.53
N GLU A 45 8.93 -34.60 15.52
CA GLU A 45 7.51 -34.91 15.35
C GLU A 45 6.87 -34.10 14.20
N ILE A 46 7.25 -32.83 14.09
CA ILE A 46 6.70 -31.99 13.04
C ILE A 46 7.27 -32.37 11.66
N ARG A 47 8.56 -32.67 11.61
CA ARG A 47 9.15 -33.19 10.36
C ARG A 47 8.36 -34.40 9.89
N SER A 48 8.08 -35.32 10.82
CA SER A 48 7.32 -36.51 10.44
C SER A 48 5.90 -36.15 9.98
N LEU A 49 5.26 -35.24 10.71
CA LEU A 49 3.92 -34.79 10.36
C LEU A 49 3.82 -34.28 8.91
N PHE A 50 4.79 -33.48 8.51
CA PHE A 50 4.77 -33.01 7.14
C PHE A 50 4.90 -34.09 6.08
N LYS A 51 5.70 -35.11 6.34
CA LYS A 51 5.70 -36.31 5.48
C LYS A 51 4.34 -36.99 5.45
N GLN A 52 3.72 -37.13 6.62
CA GLN A 52 2.38 -37.71 6.71
C GLN A 52 1.32 -36.91 5.94
N PHE A 53 1.30 -35.60 6.16
CA PHE A 53 0.41 -34.70 5.43
C PHE A 53 0.55 -34.85 3.91
N SER A 54 1.78 -35.06 3.45
CA SER A 54 2.05 -35.26 2.02
C SER A 54 1.29 -36.45 1.45
N SER A 55 1.16 -37.50 2.25
CA SER A 55 0.66 -38.77 1.73
C SER A 55 -0.84 -38.68 1.50
N LEU A 56 -1.44 -37.56 1.84
CA LEU A 56 -2.85 -37.38 1.60
C LEU A 56 -3.05 -36.58 0.37
N THR A 57 -1.96 -36.13 -0.22
CA THR A 57 -1.96 -35.28 -1.42
C THR A 57 -1.70 -36.14 -2.68
N PRO A 58 -2.55 -36.00 -3.72
CA PRO A 58 -2.41 -36.92 -4.85
C PRO A 58 -1.13 -36.66 -5.60
N ARG A 59 -0.36 -37.71 -5.85
CA ARG A 59 0.93 -37.60 -6.52
C ARG A 59 0.77 -37.82 -8.02
N GLU A 60 1.10 -36.81 -8.82
CA GLU A 60 0.99 -36.95 -10.27
C GLU A 60 2.02 -37.96 -10.76
N GLU A 61 1.65 -38.73 -11.78
CA GLU A 61 2.58 -39.60 -12.46
C GLU A 61 3.60 -38.75 -13.19
N VAL A 62 4.87 -39.16 -13.16
CA VAL A 62 5.86 -38.56 -14.05
C VAL A 62 6.45 -39.66 -14.93
N GLY A 63 7.54 -39.36 -15.62
CA GLY A 63 8.17 -40.32 -16.53
C GLY A 63 8.94 -41.40 -15.80
N LYS A 64 9.73 -40.99 -14.82
CA LYS A 64 10.66 -41.89 -14.14
C LYS A 64 11.22 -41.16 -12.93
N ILE A 65 11.44 -41.90 -11.84
CA ILE A 65 12.02 -41.32 -10.64
C ILE A 65 13.21 -42.17 -10.21
N GLU A 66 14.31 -41.51 -9.83
CA GLU A 66 15.38 -42.21 -9.10
C GLU A 66 16.01 -41.41 -7.98
N ASP A 67 16.42 -42.09 -6.92
CA ASP A 67 17.13 -41.45 -5.83
C ASP A 67 18.63 -41.58 -6.04
N ILE A 68 19.34 -40.48 -5.85
CA ILE A 68 20.79 -40.48 -5.99
C ILE A 68 21.45 -39.96 -4.71
N THR A 69 22.75 -40.20 -4.58
CA THR A 69 23.54 -39.59 -3.53
C THR A 69 24.59 -38.72 -4.20
N ILE A 70 24.60 -37.45 -3.84
CA ILE A 70 25.53 -36.48 -4.41
C ILE A 70 26.70 -36.29 -3.44
N PRO A 71 27.94 -36.53 -3.91
CA PRO A 71 29.06 -36.41 -3.00
C PRO A 71 29.32 -34.95 -2.63
N GLY A 72 28.96 -34.57 -1.41
CA GLY A 72 29.16 -33.19 -0.95
C GLY A 72 30.50 -32.99 -0.26
N SER A 73 30.87 -31.73 -0.05
CA SER A 73 32.13 -31.39 0.60
C SER A 73 32.10 -31.69 2.09
N GLU A 74 30.91 -31.69 2.69
CA GLU A 74 30.80 -31.97 4.12
C GLU A 74 29.93 -33.17 4.41
N THR A 75 29.26 -33.69 3.40
CA THR A 75 28.27 -34.74 3.63
C THR A 75 27.87 -35.34 2.29
N ASN A 76 27.25 -36.51 2.35
CA ASN A 76 26.68 -37.10 1.15
C ASN A 76 25.21 -36.74 1.08
N ILE A 77 24.82 -36.12 -0.04
CA ILE A 77 23.57 -35.36 -0.12
C ILE A 77 22.56 -36.17 -0.93
N LYS A 78 21.47 -36.59 -0.28
CA LYS A 78 20.42 -37.31 -0.98
C LYS A 78 19.66 -36.36 -1.93
N ALA A 79 19.32 -36.84 -3.13
CA ALA A 79 18.49 -36.06 -4.06
C ALA A 79 17.54 -37.00 -4.78
N ARG A 80 16.40 -36.47 -5.20
CA ARG A 80 15.47 -37.26 -6.00
C ARG A 80 15.33 -36.64 -7.37
N VAL A 81 15.55 -37.46 -8.40
CA VAL A 81 15.50 -37.01 -9.79
C VAL A 81 14.15 -37.42 -10.39
N TYR A 82 13.41 -36.43 -10.88
CA TYR A 82 12.12 -36.66 -11.54
C TYR A 82 12.30 -36.37 -13.02
N TYR A 83 12.04 -37.37 -13.87
CA TYR A 83 11.97 -37.11 -15.31
C TYR A 83 10.52 -36.87 -15.73
N PRO A 84 10.31 -35.99 -16.72
CA PRO A 84 8.97 -35.83 -17.23
C PRO A 84 8.60 -36.96 -18.20
N LYS A 85 7.36 -36.92 -18.69
CA LYS A 85 6.87 -37.96 -19.57
C LYS A 85 7.26 -37.73 -21.03
N THR A 86 7.82 -36.58 -21.35
CA THR A 86 8.21 -36.26 -22.73
C THR A 86 9.60 -36.81 -23.03
N GLN A 87 9.99 -36.72 -24.31
CA GLN A 87 11.34 -37.10 -24.76
C GLN A 87 12.38 -36.04 -24.38
N GLY A 88 13.57 -36.50 -24.00
CA GLY A 88 14.73 -35.64 -23.90
C GLY A 88 15.21 -35.17 -25.26
N PRO A 89 16.27 -34.36 -25.31
CA PRO A 89 16.99 -33.86 -24.13
C PRO A 89 16.16 -32.86 -23.31
N TYR A 90 16.64 -32.54 -22.12
CA TYR A 90 15.93 -31.74 -21.16
C TYR A 90 16.73 -30.55 -20.62
N GLY A 91 16.01 -29.63 -20.02
CA GLY A 91 16.53 -28.72 -19.05
C GLY A 91 16.38 -29.37 -17.69
N VAL A 92 17.16 -28.93 -16.74
CA VAL A 92 17.19 -29.44 -15.40
C VAL A 92 16.96 -28.33 -14.36
N LEU A 93 15.99 -28.53 -13.47
CA LEU A 93 15.76 -27.58 -12.41
C LEU A 93 16.22 -28.25 -11.12
N VAL A 94 17.22 -27.65 -10.48
CA VAL A 94 17.57 -28.04 -9.12
C VAL A 94 16.68 -27.29 -8.11
N TYR A 95 15.94 -28.06 -7.30
CA TYR A 95 14.88 -27.49 -6.48
C TYR A 95 15.25 -27.64 -5.02
N TYR A 96 15.06 -26.56 -4.25
CA TYR A 96 15.36 -26.59 -2.81
C TYR A 96 14.05 -26.38 -2.06
N HIS A 97 13.64 -27.37 -1.27
CA HIS A 97 12.39 -27.27 -0.52
C HIS A 97 12.46 -26.18 0.54
N GLY A 98 11.29 -25.70 0.94
CA GLY A 98 11.20 -24.74 2.04
C GLY A 98 10.92 -25.44 3.37
N GLY A 99 10.66 -24.64 4.40
CA GLY A 99 10.56 -25.19 5.75
C GLY A 99 11.46 -24.54 6.78
N GLY A 100 11.85 -23.29 6.50
CA GLY A 100 12.43 -22.44 7.53
C GLY A 100 13.85 -22.86 7.88
N PHE A 101 14.48 -23.64 7.00
CA PHE A 101 15.77 -24.31 7.23
C PHE A 101 15.75 -25.42 8.26
N VAL A 102 14.57 -25.72 8.80
CA VAL A 102 14.40 -26.65 9.93
C VAL A 102 13.53 -27.85 9.53
N LEU A 103 12.53 -27.62 8.68
CA LEU A 103 11.51 -28.59 8.34
C LEU A 103 11.54 -28.87 6.83
N GLY A 104 10.73 -29.83 6.40
CA GLY A 104 10.59 -30.13 4.99
C GLY A 104 11.66 -31.11 4.55
N ASP A 105 11.42 -31.79 3.43
CA ASP A 105 12.38 -32.76 2.96
C ASP A 105 11.89 -33.28 1.62
N ILE A 106 12.67 -34.17 1.02
CA ILE A 106 12.32 -34.69 -0.31
C ILE A 106 10.94 -35.32 -0.29
N GLU A 107 10.62 -36.07 0.76
CA GLU A 107 9.32 -36.79 0.77
C GLU A 107 8.14 -35.82 0.87
N SER A 108 8.18 -34.89 1.82
CA SER A 108 7.04 -33.99 2.00
C SER A 108 6.84 -33.08 0.79
N TYR A 109 7.91 -32.90 0.03
CA TYR A 109 7.84 -32.05 -1.16
C TYR A 109 7.63 -32.84 -2.46
N ASP A 110 7.49 -34.16 -2.32
CA ASP A 110 7.44 -35.02 -3.47
C ASP A 110 6.24 -34.69 -4.39
N PRO A 111 5.05 -34.45 -3.80
CA PRO A 111 3.91 -34.12 -4.67
C PRO A 111 4.13 -32.81 -5.45
N LEU A 112 4.73 -31.81 -4.81
CA LEU A 112 4.97 -30.54 -5.50
C LEU A 112 6.03 -30.67 -6.61
N CYS A 113 7.10 -31.43 -6.33
CA CYS A 113 8.14 -31.67 -7.34
C CYS A 113 7.64 -32.46 -8.54
N ARG A 114 6.73 -33.39 -8.30
CA ARG A 114 6.04 -34.08 -9.42
C ARG A 114 5.26 -33.09 -10.28
N ALA A 115 4.44 -32.25 -9.65
CA ALA A 115 3.64 -31.28 -10.37
C ALA A 115 4.52 -30.30 -11.16
N ILE A 116 5.61 -29.84 -10.53
CA ILE A 116 6.52 -28.94 -11.23
C ILE A 116 7.15 -29.62 -12.46
N THR A 117 7.60 -30.86 -12.28
CA THR A 117 8.24 -31.63 -13.36
C THR A 117 7.32 -31.72 -14.58
N ASN A 118 6.04 -32.00 -14.33
CA ASN A 118 5.08 -32.14 -15.42
C ASN A 118 4.74 -30.80 -16.05
N SER A 119 4.72 -29.76 -15.22
CA SER A 119 4.39 -28.46 -15.75
C SER A 119 5.53 -27.97 -16.65
N CYS A 120 6.77 -28.04 -16.14
CA CYS A 120 7.97 -27.48 -16.82
C CYS A 120 8.42 -28.41 -17.96
N GLN A 121 8.00 -29.66 -17.90
CA GLN A 121 8.52 -30.70 -18.79
C GLN A 121 10.05 -30.74 -18.80
N CYS A 122 10.61 -30.78 -17.59
CA CYS A 122 12.03 -30.69 -17.41
C CYS A 122 12.39 -31.66 -16.30
N VAL A 123 13.66 -32.07 -16.24
CA VAL A 123 14.11 -32.91 -15.14
C VAL A 123 14.14 -32.02 -13.88
N THR A 124 13.62 -32.52 -12.78
CA THR A 124 13.69 -31.78 -11.50
C THR A 124 14.50 -32.60 -10.53
N ILE A 125 15.44 -31.94 -9.86
CA ILE A 125 16.21 -32.64 -8.85
C ILE A 125 16.04 -32.02 -7.46
N SER A 126 15.31 -32.73 -6.61
CA SER A 126 14.95 -32.19 -5.31
C SER A 126 16.01 -32.58 -4.26
N VAL A 127 16.57 -31.58 -3.58
CA VAL A 127 17.80 -31.75 -2.79
C VAL A 127 17.48 -31.81 -1.30
N ASP A 128 18.04 -32.81 -0.62
CA ASP A 128 17.85 -32.98 0.84
C ASP A 128 19.00 -32.32 1.59
N TYR A 129 18.98 -30.99 1.69
CA TYR A 129 20.11 -30.29 2.31
C TYR A 129 20.01 -30.44 3.83
N ARG A 130 21.14 -30.31 4.52
CA ARG A 130 21.18 -30.48 5.98
C ARG A 130 20.32 -29.44 6.70
N LEU A 131 19.60 -29.88 7.74
CA LEU A 131 18.68 -29.02 8.44
C LEU A 131 19.18 -28.55 9.81
N ALA A 132 18.65 -27.43 10.25
CA ALA A 132 18.89 -26.86 11.57
C ALA A 132 17.75 -27.33 12.46
N PRO A 133 17.91 -27.25 13.81
CA PRO A 133 19.05 -26.72 14.57
C PRO A 133 20.26 -27.65 14.59
N GLU A 134 20.05 -28.94 14.27
CA GLU A 134 21.16 -29.90 14.25
C GLU A 134 22.35 -29.41 13.43
N ASN A 135 22.09 -28.88 12.24
CA ASN A 135 23.16 -28.39 11.39
C ASN A 135 22.93 -26.91 11.10
N LYS A 136 23.72 -26.04 11.73
CA LYS A 136 23.48 -24.59 11.64
C LYS A 136 23.91 -24.10 10.27
N PHE A 137 23.48 -22.88 9.92
CA PHE A 137 24.10 -22.11 8.83
C PHE A 137 25.62 -22.23 8.98
N PRO A 138 26.34 -22.43 7.87
CA PRO A 138 25.90 -22.38 6.49
C PRO A 138 25.70 -23.76 5.85
N ALA A 139 25.38 -24.78 6.65
CA ALA A 139 25.31 -26.13 6.12
C ALA A 139 24.32 -26.23 4.96
N ALA A 140 23.10 -25.74 5.16
CA ALA A 140 22.11 -25.78 4.07
C ALA A 140 22.70 -25.19 2.80
N VAL A 141 23.38 -24.05 2.94
CA VAL A 141 23.95 -23.37 1.77
C VAL A 141 25.07 -24.22 1.15
N VAL A 142 25.95 -24.75 1.99
CA VAL A 142 27.03 -25.60 1.49
C VAL A 142 26.44 -26.77 0.69
N ASP A 143 25.48 -27.47 1.29
CA ASP A 143 24.86 -28.61 0.59
C ASP A 143 24.18 -28.20 -0.71
N SER A 144 23.41 -27.11 -0.67
CA SER A 144 22.69 -26.64 -1.84
C SER A 144 23.63 -26.27 -2.99
N PHE A 145 24.72 -25.58 -2.67
CA PHE A 145 25.68 -25.20 -3.70
C PHE A 145 26.45 -26.41 -4.23
N ASP A 146 26.89 -27.28 -3.31
CA ASP A 146 27.57 -28.52 -3.72
C ASP A 146 26.69 -29.32 -4.68
N ALA A 147 25.42 -29.40 -4.40
CA ALA A 147 24.50 -30.16 -5.20
C ALA A 147 24.34 -29.55 -6.59
N LEU A 148 24.20 -28.26 -6.65
CA LEU A 148 24.11 -27.56 -7.89
C LEU A 148 25.37 -27.73 -8.75
N LYS A 149 26.52 -27.53 -8.16
CA LYS A 149 27.77 -27.70 -8.85
C LYS A 149 27.85 -29.10 -9.47
N TRP A 150 27.53 -30.11 -8.67
CA TRP A 150 27.58 -31.48 -9.14
C TRP A 150 26.58 -31.72 -10.27
N VAL A 151 25.37 -31.18 -10.15
CA VAL A 151 24.39 -31.35 -11.22
C VAL A 151 24.86 -30.66 -12.50
N TYR A 152 25.41 -29.47 -12.35
CA TYR A 152 25.92 -28.73 -13.50
C TYR A 152 27.04 -29.55 -14.19
N ASN A 153 27.91 -30.14 -13.37
CA ASN A 153 29.05 -30.91 -13.88
C ASN A 153 28.65 -32.28 -14.45
N ASN A 154 27.44 -32.73 -14.11
CA ASN A 154 27.00 -34.07 -14.45
C ASN A 154 25.67 -34.11 -15.19
N SER A 155 25.31 -33.00 -15.85
CA SER A 155 23.97 -32.86 -16.41
C SER A 155 23.74 -33.87 -17.52
N GLU A 156 24.82 -34.30 -18.19
CA GLU A 156 24.70 -35.36 -19.20
C GLU A 156 24.06 -36.63 -18.66
N LYS A 157 24.29 -36.94 -17.39
CA LYS A 157 23.66 -38.12 -16.78
C LYS A 157 22.14 -38.09 -16.95
N PHE A 158 21.59 -36.89 -17.07
CA PHE A 158 20.13 -36.72 -17.12
C PHE A 158 19.67 -36.25 -18.50
N ASN A 159 20.54 -36.42 -19.50
CA ASN A 159 20.30 -35.83 -20.82
C ASN A 159 19.87 -34.37 -20.66
N GLY A 160 20.58 -33.67 -19.78
CA GLY A 160 20.27 -32.28 -19.46
C GLY A 160 20.93 -31.24 -20.34
N LYS A 161 20.74 -31.37 -21.65
CA LYS A 161 21.53 -30.58 -22.60
C LYS A 161 21.05 -29.14 -22.71
N TYR A 162 19.87 -28.83 -22.17
CA TYR A 162 19.28 -27.51 -22.40
C TYR A 162 19.58 -26.55 -21.27
N GLY A 163 20.38 -26.98 -20.30
CA GLY A 163 20.90 -26.08 -19.27
C GLY A 163 20.25 -26.30 -17.91
N ILE A 164 20.70 -25.54 -16.91
CA ILE A 164 20.35 -25.76 -15.51
C ILE A 164 19.62 -24.52 -14.99
N ALA A 165 18.59 -24.73 -14.18
CA ALA A 165 17.99 -23.61 -13.45
C ALA A 165 17.97 -23.97 -11.96
N VAL A 166 17.78 -22.99 -11.07
CA VAL A 166 17.57 -23.28 -9.66
C VAL A 166 16.17 -22.82 -9.24
N GLY A 167 15.62 -23.41 -8.19
CA GLY A 167 14.30 -22.91 -7.74
C GLY A 167 14.03 -23.42 -6.35
N GLY A 168 13.09 -22.77 -5.67
CA GLY A 168 12.85 -23.08 -4.26
C GLY A 168 11.81 -22.17 -3.66
N ASP A 169 11.16 -22.65 -2.59
CA ASP A 169 10.10 -21.88 -1.94
C ASP A 169 10.53 -21.49 -0.52
N SER A 170 10.32 -20.30 -0.09
CA SER A 170 10.64 -19.79 1.26
C SER A 170 12.14 -19.82 1.66
N ALA A 171 12.51 -20.56 2.58
CA ALA A 171 13.94 -20.92 2.78
C ALA A 171 14.60 -21.54 1.54
N GLY A 172 13.85 -22.32 0.78
CA GLY A 172 14.41 -22.87 -0.47
C GLY A 172 14.64 -21.79 -1.53
N GLY A 173 13.76 -20.78 -1.53
CA GLY A 173 13.96 -19.62 -2.42
C GLY A 173 15.21 -18.84 -2.03
N ASN A 174 15.41 -18.63 -0.74
CA ASN A 174 16.68 -18.16 -0.22
C ASN A 174 17.86 -18.98 -0.76
N LEU A 175 17.78 -20.30 -0.67
CA LEU A 175 18.88 -21.17 -1.14
C LEU A 175 19.08 -21.07 -2.64
N ALA A 176 18.00 -21.04 -3.40
CA ALA A 176 18.10 -20.92 -4.84
C ALA A 176 18.81 -19.59 -5.16
N ALA A 177 18.40 -18.51 -4.49
CA ALA A 177 18.96 -17.17 -4.76
C ALA A 177 20.46 -17.16 -4.43
N VAL A 178 20.81 -17.75 -3.29
CA VAL A 178 22.20 -17.71 -2.82
C VAL A 178 23.07 -18.60 -3.70
N THR A 179 22.54 -19.77 -4.06
CA THR A 179 23.23 -20.64 -5.00
C THR A 179 23.48 -19.95 -6.34
N ALA A 180 22.53 -19.17 -6.82
CA ALA A 180 22.76 -18.45 -8.06
C ALA A 180 23.88 -17.38 -7.92
N ILE A 181 23.94 -16.74 -6.77
CA ILE A 181 25.01 -15.76 -6.50
C ILE A 181 26.39 -16.46 -6.42
N LEU A 182 26.45 -17.57 -5.68
CA LEU A 182 27.68 -18.37 -5.63
C LEU A 182 28.14 -18.89 -7.00
N SER A 183 27.17 -19.19 -7.88
CA SER A 183 27.48 -19.72 -9.21
C SER A 183 28.18 -18.69 -10.08
N LYS A 184 27.75 -17.44 -9.95
CA LYS A 184 28.26 -16.37 -10.76
C LYS A 184 29.72 -16.18 -10.41
N LYS A 185 30.00 -16.29 -9.12
CA LYS A 185 31.36 -16.18 -8.61
C LYS A 185 32.28 -17.30 -9.08
N GLU A 186 31.70 -18.48 -9.36
CA GLU A 186 32.47 -19.65 -9.83
C GLU A 186 32.31 -19.87 -11.33
N ASN A 187 31.73 -18.88 -12.01
CA ASN A 187 31.49 -18.96 -13.45
C ASN A 187 30.66 -20.18 -13.90
N ILE A 188 29.82 -20.71 -13.00
CA ILE A 188 28.75 -21.63 -13.35
C ILE A 188 27.58 -20.87 -13.99
N LYS A 189 27.21 -21.25 -15.21
CA LYS A 189 26.26 -20.47 -16.02
C LYS A 189 24.84 -21.03 -15.96
N LEU A 190 24.00 -20.43 -15.13
CA LEU A 190 22.61 -20.86 -14.97
C LEU A 190 21.66 -20.21 -15.98
N LYS A 191 20.60 -20.91 -16.34
CA LYS A 191 19.61 -20.36 -17.26
C LYS A 191 18.61 -19.43 -16.57
N TYR A 192 18.22 -19.79 -15.35
CA TYR A 192 17.02 -19.20 -14.73
C TYR A 192 17.01 -19.44 -13.22
N GLN A 193 16.33 -18.57 -12.48
CA GLN A 193 16.07 -18.83 -11.06
C GLN A 193 14.61 -18.54 -10.73
N VAL A 194 13.93 -19.53 -10.14
CA VAL A 194 12.52 -19.41 -9.74
C VAL A 194 12.45 -19.29 -8.22
N LEU A 195 12.08 -18.11 -7.74
CA LEU A 195 12.08 -17.83 -6.30
C LEU A 195 10.63 -17.69 -5.84
N ILE A 196 10.13 -18.70 -5.17
CA ILE A 196 8.77 -18.77 -4.70
C ILE A 196 8.68 -18.27 -3.26
N TYR A 197 8.04 -17.13 -3.08
CA TYR A 197 7.90 -16.46 -1.81
C TYR A 197 9.18 -16.62 -0.95
N PRO A 198 10.30 -16.15 -1.47
CA PRO A 198 11.60 -16.35 -0.84
C PRO A 198 11.78 -15.49 0.38
N ALA A 199 12.66 -15.88 1.28
CA ALA A 199 13.15 -14.99 2.33
C ALA A 199 14.55 -14.54 1.90
N VAL A 200 14.74 -13.24 1.76
CA VAL A 200 16.00 -12.70 1.19
C VAL A 200 16.79 -11.81 2.16
N SER A 201 16.22 -11.55 3.34
CA SER A 201 16.80 -10.63 4.29
C SER A 201 16.28 -10.87 5.72
N PHE A 202 17.12 -10.56 6.70
CA PHE A 202 16.65 -10.25 8.03
C PHE A 202 15.73 -9.05 7.98
N ASP A 203 14.63 -9.09 8.67
CA ASP A 203 13.63 -8.06 8.48
C ASP A 203 12.98 -7.67 9.77
N LEU A 204 13.10 -6.41 10.14
CA LEU A 204 12.32 -5.80 11.20
C LEU A 204 11.52 -4.54 10.79
N ILE A 205 11.43 -4.30 9.48
CA ILE A 205 10.91 -3.06 8.97
C ILE A 205 9.86 -3.08 7.85
N THR A 206 9.72 -4.17 7.12
CA THR A 206 8.76 -4.10 6.00
C THR A 206 7.32 -4.00 6.50
N LYS A 207 6.52 -3.22 5.77
CA LYS A 207 5.10 -3.11 6.08
C LYS A 207 4.43 -4.48 6.10
N SER A 208 4.78 -5.36 5.14
CA SER A 208 4.11 -6.67 5.06
C SER A 208 4.41 -7.52 6.28
N LEU A 209 5.60 -7.37 6.83
CA LEU A 209 5.96 -8.10 8.05
C LEU A 209 4.99 -7.80 9.20
N TYR A 210 4.62 -6.53 9.35
CA TYR A 210 3.71 -6.14 10.42
C TYR A 210 2.25 -6.40 10.06
N ASP A 211 1.87 -6.05 8.83
CA ASP A 211 0.49 -6.27 8.39
C ASP A 211 0.11 -7.75 8.40
N ASN A 212 1.05 -8.61 8.04
CA ASN A 212 0.77 -10.02 7.74
C ASN A 212 1.43 -10.92 8.77
N GLY A 213 1.93 -10.32 9.84
CA GLY A 213 2.77 -11.06 10.78
C GLY A 213 1.98 -12.00 11.69
N GLU A 214 0.66 -11.88 11.68
CA GLU A 214 -0.21 -12.78 12.49
C GLU A 214 -1.42 -13.23 11.68
N GLY A 215 -1.87 -14.45 11.91
CA GLY A 215 -3.15 -14.92 11.36
C GLY A 215 -3.13 -15.46 9.93
N PHE A 216 -1.96 -15.52 9.32
CA PHE A 216 -1.83 -16.04 7.94
C PHE A 216 -0.83 -17.18 7.87
N PHE A 217 -0.94 -18.11 8.82
CA PHE A 217 -0.20 -19.36 8.76
C PHE A 217 1.29 -19.22 9.11
N LEU A 218 2.02 -18.41 8.33
CA LEU A 218 3.41 -18.13 8.67
C LEU A 218 3.40 -16.83 9.48
N THR A 219 3.86 -16.91 10.73
CA THR A 219 3.79 -15.78 11.67
C THR A 219 5.18 -15.23 11.98
N ARG A 220 5.22 -14.02 12.55
CA ARG A 220 6.44 -13.44 13.14
C ARG A 220 7.13 -14.40 14.10
N GLU A 221 6.37 -14.97 15.00
CA GLU A 221 6.93 -15.93 15.96
C GLU A 221 7.64 -17.10 15.24
N HIS A 222 7.03 -17.64 14.20
CA HIS A 222 7.66 -18.74 13.46
C HIS A 222 8.96 -18.25 12.85
N ILE A 223 8.87 -17.11 12.18
CA ILE A 223 10.02 -16.60 11.47
C ILE A 223 11.19 -16.43 12.45
N ASP A 224 10.90 -15.86 13.62
CA ASP A 224 11.95 -15.58 14.61
C ASP A 224 12.54 -16.89 15.10
N TRP A 225 11.67 -17.87 15.33
CA TRP A 225 12.11 -19.16 15.81
C TRP A 225 12.98 -19.89 14.78
N PHE A 226 12.55 -19.89 13.52
CA PHE A 226 13.38 -20.50 12.47
C PHE A 226 14.74 -19.84 12.44
N GLY A 227 14.75 -18.51 12.48
CA GLY A 227 16.00 -17.76 12.42
C GLY A 227 16.93 -18.12 13.58
N GLN A 228 16.37 -18.25 14.77
CA GLN A 228 17.15 -18.76 15.91
C GLN A 228 17.75 -20.14 15.69
N GLN A 229 16.98 -21.07 15.11
CA GLN A 229 17.51 -22.42 14.91
C GLN A 229 18.68 -22.42 13.93
N TYR A 230 18.57 -21.61 12.86
CA TYR A 230 19.49 -21.67 11.72
C TYR A 230 20.82 -20.91 11.99
N LEU A 231 20.73 -19.75 12.62
CA LEU A 231 21.91 -18.87 12.72
C LEU A 231 22.89 -19.31 13.78
N ARG A 232 24.18 -19.21 13.44
CA ARG A 232 25.30 -19.46 14.36
C ARG A 232 25.49 -18.27 15.26
N SER A 233 25.67 -17.10 14.65
CA SER A 233 25.85 -15.88 15.41
C SER A 233 25.30 -14.63 14.70
N PHE A 234 25.18 -13.55 15.47
CA PHE A 234 24.70 -12.27 14.96
C PHE A 234 25.48 -11.84 13.70
N ALA A 235 26.76 -12.17 13.63
CA ALA A 235 27.62 -11.74 12.52
C ALA A 235 27.13 -12.29 11.18
N ASP A 236 26.42 -13.41 11.24
CA ASP A 236 25.87 -14.05 10.05
C ASP A 236 24.86 -13.14 9.29
N LEU A 237 24.30 -12.18 9.99
CA LEU A 237 23.38 -11.22 9.38
C LEU A 237 24.07 -10.34 8.34
N LEU A 238 25.40 -10.29 8.38
CA LEU A 238 26.19 -9.53 7.40
C LEU A 238 26.51 -10.38 6.16
N ASP A 239 26.17 -11.66 6.21
CA ASP A 239 26.66 -12.65 5.24
C ASP A 239 25.62 -12.76 4.11
N PHE A 240 26.01 -12.47 2.88
CA PHE A 240 25.07 -12.58 1.76
C PHE A 240 24.50 -14.00 1.59
N ARG A 241 25.18 -14.99 2.14
CA ARG A 241 24.68 -16.38 2.02
C ARG A 241 23.51 -16.63 2.95
N PHE A 242 23.34 -15.73 3.92
CA PHE A 242 22.13 -15.69 4.75
C PHE A 242 21.08 -14.72 4.19
N SER A 243 21.51 -13.48 3.92
CA SER A 243 20.64 -12.43 3.30
C SER A 243 21.15 -12.08 1.91
N PRO A 244 20.62 -12.73 0.88
CA PRO A 244 21.20 -12.53 -0.45
C PRO A 244 20.94 -11.13 -1.00
N ILE A 245 19.93 -10.43 -0.48
CA ILE A 245 19.71 -9.03 -0.86
C ILE A 245 20.99 -8.18 -0.73
N LEU A 246 21.87 -8.57 0.20
CA LEU A 246 23.18 -7.88 0.43
C LEU A 246 24.17 -7.99 -0.73
N ALA A 247 24.04 -9.02 -1.57
CA ALA A 247 25.06 -9.28 -2.59
C ALA A 247 24.96 -8.29 -3.77
N ASP A 248 26.02 -8.23 -4.56
CA ASP A 248 25.97 -7.60 -5.88
C ASP A 248 25.18 -8.52 -6.81
N LEU A 249 24.05 -8.04 -7.31
CA LEU A 249 23.16 -8.92 -8.07
C LEU A 249 23.37 -8.81 -9.58
N ASN A 250 24.40 -8.06 -10.00
CA ASN A 250 24.76 -8.04 -11.43
C ASN A 250 25.02 -9.44 -11.98
N ASP A 251 24.66 -9.63 -13.24
CA ASP A 251 25.01 -10.83 -14.00
C ASP A 251 24.43 -12.13 -13.44
N LEU A 252 23.33 -12.03 -12.71
CA LEU A 252 22.62 -13.23 -12.27
C LEU A 252 21.68 -13.71 -13.36
N PRO A 253 21.25 -14.98 -13.29
CA PRO A 253 20.28 -15.48 -14.24
C PRO A 253 18.93 -14.76 -14.11
N PRO A 254 18.19 -14.65 -15.22
CA PRO A 254 16.86 -14.04 -15.14
C PRO A 254 15.94 -14.86 -14.21
N ALA A 255 14.89 -14.21 -13.69
CA ALA A 255 14.22 -14.74 -12.51
C ALA A 255 12.71 -14.61 -12.66
N LEU A 256 11.97 -15.56 -12.09
CA LEU A 256 10.55 -15.38 -11.81
C LEU A 256 10.48 -15.32 -10.28
N ILE A 257 9.85 -14.27 -9.74
CA ILE A 257 9.71 -14.17 -8.30
C ILE A 257 8.23 -14.05 -7.97
N ILE A 258 7.73 -15.04 -7.24
CA ILE A 258 6.32 -15.12 -6.88
C ILE A 258 6.22 -14.70 -5.41
N THR A 259 5.33 -13.75 -5.13
CA THR A 259 5.00 -13.39 -3.75
C THR A 259 3.50 -13.56 -3.51
N ALA A 260 3.10 -13.51 -2.25
CA ALA A 260 1.70 -13.72 -1.93
C ALA A 260 1.22 -12.52 -1.14
N GLU A 261 0.03 -12.05 -1.46
CA GLU A 261 -0.52 -10.87 -0.85
C GLU A 261 -0.42 -10.90 0.67
N HIS A 262 -0.87 -12.01 1.28
CA HIS A 262 -0.94 -12.08 2.74
C HIS A 262 0.27 -12.68 3.44
N ASP A 263 1.44 -12.60 2.80
CA ASP A 263 2.66 -13.22 3.34
C ASP A 263 3.50 -12.13 4.03
N PRO A 264 3.97 -12.39 5.28
CA PRO A 264 4.88 -11.40 5.89
C PRO A 264 6.14 -11.15 5.05
N LEU A 265 6.54 -12.14 4.26
CA LEU A 265 7.75 -12.07 3.41
C LEU A 265 7.52 -11.33 2.08
N ARG A 266 6.30 -10.86 1.84
CA ARG A 266 5.93 -10.36 0.51
C ARG A 266 6.82 -9.17 0.10
N ASP A 267 6.94 -8.16 0.96
CA ASP A 267 7.64 -6.93 0.53
C ASP A 267 9.12 -7.22 0.23
N GLN A 268 9.76 -8.02 1.06
CA GLN A 268 11.19 -8.30 0.82
C GLN A 268 11.42 -9.12 -0.44
N GLY A 269 10.49 -10.01 -0.76
CA GLY A 269 10.59 -10.71 -2.04
C GLY A 269 10.52 -9.76 -3.22
N GLU A 270 9.55 -8.86 -3.19
CA GLU A 270 9.42 -7.82 -4.23
C GLU A 270 10.62 -6.85 -4.28
N ALA A 271 11.23 -6.63 -3.12
CA ALA A 271 12.46 -5.82 -3.08
C ALA A 271 13.61 -6.55 -3.83
N TYR A 272 13.70 -7.86 -3.67
CA TYR A 272 14.76 -8.62 -4.34
C TYR A 272 14.58 -8.50 -5.85
N ALA A 273 13.34 -8.55 -6.31
CA ALA A 273 13.05 -8.30 -7.71
C ALA A 273 13.50 -6.89 -8.15
N ASN A 274 13.16 -5.87 -7.38
CA ASN A 274 13.61 -4.50 -7.74
C ASN A 274 15.14 -4.38 -7.78
N LYS A 275 15.82 -4.98 -6.82
CA LYS A 275 17.31 -4.91 -6.81
C LYS A 275 17.93 -5.66 -8.00
N LEU A 276 17.36 -6.82 -8.36
CA LEU A 276 17.76 -7.50 -9.61
C LEU A 276 17.59 -6.57 -10.80
N LEU A 277 16.41 -5.96 -10.93
CA LEU A 277 16.18 -5.05 -12.06
C LEU A 277 17.18 -3.89 -12.07
N GLN A 278 17.41 -3.30 -10.90
CA GLN A 278 18.38 -2.20 -10.76
C GLN A 278 19.78 -2.66 -11.20
N SER A 279 20.04 -3.95 -11.08
CA SER A 279 21.34 -4.53 -11.46
C SER A 279 21.40 -5.09 -12.88
N GLY A 280 20.38 -4.80 -13.70
CA GLY A 280 20.37 -5.19 -15.10
C GLY A 280 19.90 -6.61 -15.38
N VAL A 281 19.29 -7.26 -14.38
CA VAL A 281 18.81 -8.64 -14.61
C VAL A 281 17.29 -8.65 -14.94
N GLN A 282 16.85 -9.48 -15.90
CA GLN A 282 15.42 -9.56 -16.25
C GLN A 282 14.71 -10.35 -15.15
N VAL A 283 13.64 -9.78 -14.61
CA VAL A 283 12.88 -10.49 -13.60
C VAL A 283 11.41 -10.20 -13.82
N THR A 284 10.62 -11.27 -13.79
CA THR A 284 9.17 -11.11 -13.76
C THR A 284 8.72 -11.34 -12.34
N SER A 285 8.27 -10.26 -11.72
CA SER A 285 7.83 -10.23 -10.33
C SER A 285 6.32 -10.24 -10.31
N VAL A 286 5.75 -11.29 -9.75
CA VAL A 286 4.32 -11.41 -9.72
C VAL A 286 3.76 -11.71 -8.30
N ARG A 287 2.86 -10.86 -7.86
CA ARG A 287 2.19 -10.99 -6.58
C ARG A 287 0.87 -11.70 -6.78
N PHE A 288 0.75 -12.87 -6.23
CA PHE A 288 -0.54 -13.55 -6.25
C PHE A 288 -1.40 -13.01 -5.11
N ASN A 289 -2.52 -12.39 -5.48
CA ASN A 289 -3.38 -11.76 -4.49
C ASN A 289 -4.29 -12.82 -3.82
N ASN A 290 -4.81 -12.47 -2.64
CA ASN A 290 -5.80 -13.31 -1.94
C ASN A 290 -5.29 -14.63 -1.35
N VAL A 291 -3.98 -14.81 -1.31
CA VAL A 291 -3.41 -16.09 -0.88
C VAL A 291 -2.33 -15.84 0.16
N ILE A 292 -1.99 -16.89 0.90
CA ILE A 292 -1.06 -16.78 2.01
C ILE A 292 0.27 -17.40 1.60
N HIS A 293 1.29 -17.18 2.41
CA HIS A 293 2.51 -17.96 2.29
C HIS A 293 2.21 -19.47 2.20
N GLY A 294 2.89 -20.16 1.29
CA GLY A 294 2.80 -21.61 1.24
C GLY A 294 1.76 -22.06 0.23
N PHE A 295 1.08 -21.13 -0.43
CA PHE A 295 -0.10 -21.49 -1.23
C PHE A 295 0.22 -22.42 -2.41
N VAL A 296 1.47 -22.38 -2.88
CA VAL A 296 1.87 -23.22 -4.02
C VAL A 296 1.94 -24.68 -3.60
N SER A 297 2.37 -24.93 -2.37
CA SER A 297 2.36 -26.29 -1.82
C SER A 297 0.95 -26.85 -1.70
N PHE A 298 -0.04 -25.95 -1.63
CA PHE A 298 -1.43 -26.33 -1.47
C PHE A 298 -2.18 -26.34 -2.79
N PHE A 299 -1.44 -26.50 -3.91
CA PHE A 299 -2.04 -26.47 -5.25
C PHE A 299 -3.26 -27.39 -5.47
N PRO A 300 -3.31 -28.57 -4.82
CA PRO A 300 -4.47 -29.45 -5.00
C PRO A 300 -5.81 -28.82 -4.57
N PHE A 301 -5.77 -27.85 -3.67
CA PHE A 301 -7.01 -27.25 -3.20
C PHE A 301 -7.07 -25.71 -3.22
N ILE A 302 -5.92 -25.07 -3.50
CA ILE A 302 -5.90 -23.62 -3.74
C ILE A 302 -5.54 -23.44 -5.22
N GLU A 303 -6.52 -23.05 -6.03
CA GLU A 303 -6.35 -23.05 -7.49
C GLU A 303 -5.27 -22.06 -7.93
N GLN A 304 -5.13 -20.96 -7.21
CA GLN A 304 -4.06 -20.01 -7.48
C GLN A 304 -2.68 -20.66 -7.40
N GLY A 305 -2.54 -21.68 -6.53
CA GLY A 305 -1.32 -22.49 -6.47
C GLY A 305 -1.05 -23.29 -7.74
N ARG A 306 -2.11 -23.86 -8.30
CA ARG A 306 -2.03 -24.58 -9.57
C ARG A 306 -1.65 -23.61 -10.71
N ASP A 307 -2.21 -22.43 -10.68
CA ASP A 307 -1.89 -21.44 -11.71
C ASP A 307 -0.44 -20.90 -11.58
N ALA A 308 0.04 -20.74 -10.35
CA ALA A 308 1.45 -20.41 -10.13
C ALA A 308 2.35 -21.50 -10.70
N ILE A 309 2.01 -22.76 -10.45
CA ILE A 309 2.80 -23.88 -11.03
C ILE A 309 2.73 -23.87 -12.57
N GLY A 310 1.58 -23.51 -13.11
CA GLY A 310 1.44 -23.31 -14.57
C GLY A 310 2.38 -22.23 -15.08
N LEU A 311 2.48 -21.12 -14.35
CA LEU A 311 3.40 -20.02 -14.74
C LEU A 311 4.87 -20.44 -14.64
N ILE A 312 5.24 -21.07 -13.54
CA ILE A 312 6.56 -21.67 -13.42
C ILE A 312 6.88 -22.57 -14.61
N GLY A 313 5.93 -23.40 -15.02
CA GLY A 313 6.15 -24.32 -16.11
C GLY A 313 6.34 -23.53 -17.40
N TYR A 314 5.55 -22.48 -17.59
CA TYR A 314 5.72 -21.62 -18.74
C TYR A 314 7.10 -20.98 -18.86
N VAL A 315 7.55 -20.30 -17.82
CA VAL A 315 8.86 -19.60 -17.92
C VAL A 315 10.03 -20.54 -18.14
N LEU A 316 9.96 -21.75 -17.56
CA LEU A 316 11.06 -22.69 -17.75
C LEU A 316 11.02 -23.36 -19.13
N ARG A 317 9.82 -23.68 -19.61
CA ARG A 317 9.72 -24.18 -20.99
C ARG A 317 10.22 -23.11 -21.97
N LYS A 318 9.92 -21.85 -21.66
CA LYS A 318 10.39 -20.73 -22.48
C LYS A 318 11.93 -20.69 -22.53
N VAL A 319 12.54 -20.59 -21.36
CA VAL A 319 14.00 -20.45 -21.30
C VAL A 319 14.76 -21.69 -21.74
N PHE A 320 14.25 -22.87 -21.44
CA PHE A 320 14.98 -24.10 -21.80
C PHE A 320 14.79 -24.40 -23.29
N TYR A 321 13.54 -24.34 -23.75
CA TYR A 321 13.16 -24.94 -25.03
C TYR A 321 12.74 -23.93 -26.12
N GLY A 322 12.55 -22.67 -25.75
CA GLY A 322 12.01 -21.68 -26.68
C GLY A 322 10.52 -21.90 -26.87
N LYS A 323 9.97 -22.79 -26.04
CA LYS A 323 8.53 -22.91 -25.75
C LYS A 323 8.03 -24.36 -25.74
N ALA B 41 30.11 19.99 -6.10
CA ALA B 41 30.00 20.72 -4.80
C ALA B 41 30.62 19.89 -3.68
N SER B 42 31.60 20.47 -2.98
CA SER B 42 32.13 19.84 -1.78
C SER B 42 31.11 19.81 -0.62
N VAL B 43 31.46 19.07 0.43
CA VAL B 43 30.56 18.94 1.58
C VAL B 43 30.47 20.29 2.29
N GLU B 44 31.62 20.93 2.47
CA GLU B 44 31.67 22.24 3.08
C GLU B 44 30.87 23.32 2.33
N GLU B 45 30.77 23.16 1.02
CA GLU B 45 29.97 24.08 0.21
C GLU B 45 28.47 23.84 0.36
N ILE B 46 28.08 22.57 0.36
CA ILE B 46 26.67 22.24 0.58
C ILE B 46 26.21 22.73 1.96
N ARG B 47 27.06 22.54 2.97
CA ARG B 47 26.75 23.02 4.32
C ARG B 47 26.52 24.52 4.31
N SER B 48 27.37 25.26 3.61
CA SER B 48 27.22 26.72 3.52
C SER B 48 25.93 27.11 2.82
N LEU B 49 25.63 26.43 1.71
CA LEU B 49 24.42 26.74 0.96
C LEU B 49 23.17 26.61 1.83
N PHE B 50 23.10 25.52 2.60
CA PHE B 50 21.94 25.32 3.44
C PHE B 50 21.88 26.40 4.53
N LYS B 51 23.00 26.72 5.14
CA LYS B 51 23.04 27.82 6.12
C LYS B 51 22.58 29.14 5.50
N GLN B 52 23.02 29.40 4.27
CA GLN B 52 22.59 30.60 3.56
C GLN B 52 21.08 30.66 3.35
N PHE B 53 20.53 29.59 2.77
CA PHE B 53 19.11 29.51 2.51
C PHE B 53 18.35 29.67 3.81
N SER B 54 18.87 29.07 4.87
CA SER B 54 18.21 29.16 6.16
C SER B 54 18.27 30.56 6.78
N SER B 55 19.35 31.29 6.48
CA SER B 55 19.52 32.65 6.93
C SER B 55 18.35 33.58 6.55
N LEU B 56 17.66 33.24 5.48
CA LEU B 56 16.54 34.00 4.96
C LEU B 56 15.16 33.76 5.56
N THR B 57 15.04 32.64 6.23
CA THR B 57 13.78 32.19 6.73
C THR B 57 13.23 33.02 7.86
N PRO B 58 12.01 33.50 7.73
CA PRO B 58 11.40 34.29 8.79
C PRO B 58 11.26 33.47 10.04
N ARG B 59 11.66 34.03 11.17
CA ARG B 59 11.60 33.25 12.39
C ARG B 59 10.88 33.92 13.52
N GLU B 60 10.37 33.09 14.41
CA GLU B 60 9.53 33.57 15.48
C GLU B 60 10.41 34.09 16.59
N GLU B 61 9.96 35.15 17.24
CA GLU B 61 10.48 35.58 18.54
C GLU B 61 10.20 34.51 19.60
N VAL B 62 11.21 34.25 20.43
CA VAL B 62 11.03 33.41 21.63
C VAL B 62 11.37 34.25 22.89
N GLY B 63 11.45 33.61 24.04
CA GLY B 63 11.62 34.32 25.32
C GLY B 63 13.05 34.79 25.54
N LYS B 64 14.01 33.93 25.24
CA LYS B 64 15.40 34.16 25.58
C LYS B 64 16.20 33.01 24.93
N ILE B 65 17.38 33.33 24.42
CA ILE B 65 18.23 32.33 23.78
C ILE B 65 19.64 32.45 24.34
N GLU B 66 20.24 31.32 24.69
CA GLU B 66 21.61 31.28 25.19
C GLU B 66 22.37 30.15 24.53
N ASP B 67 23.60 30.43 24.10
CA ASP B 67 24.50 29.40 23.59
C ASP B 67 25.39 28.91 24.70
N ILE B 68 25.48 27.58 24.86
CA ILE B 68 26.26 26.97 25.92
C ILE B 68 27.23 25.95 25.31
N THR B 69 28.23 25.54 26.08
CA THR B 69 29.18 24.53 25.63
C THR B 69 29.20 23.38 26.64
N ILE B 70 28.62 22.26 26.24
CA ILE B 70 28.54 21.10 27.11
C ILE B 70 29.85 20.30 27.08
N PRO B 71 30.38 19.92 28.26
CA PRO B 71 31.63 19.15 28.28
C PRO B 71 31.36 17.68 27.95
N GLY B 72 31.52 17.30 26.68
CA GLY B 72 31.26 15.92 26.27
C GLY B 72 32.44 15.02 26.60
N SER B 73 32.22 13.71 26.57
CA SER B 73 33.29 12.77 26.85
C SER B 73 34.40 12.85 25.82
N GLU B 74 34.08 13.29 24.61
CA GLU B 74 35.04 13.26 23.51
C GLU B 74 35.34 14.64 22.94
N THR B 75 34.48 15.60 23.25
CA THR B 75 34.57 16.90 22.61
C THR B 75 33.74 17.89 23.42
N ASN B 76 33.98 19.18 23.21
CA ASN B 76 33.08 20.17 23.75
C ASN B 76 31.93 20.35 22.78
N ILE B 77 30.71 20.26 23.29
CA ILE B 77 29.52 20.20 22.44
C ILE B 77 28.73 21.51 22.52
N LYS B 78 28.67 22.27 21.44
CA LYS B 78 27.85 23.48 21.45
C LYS B 78 26.35 23.10 21.49
N ALA B 79 25.57 23.88 22.21
CA ALA B 79 24.11 23.72 22.17
C ALA B 79 23.49 25.09 22.29
N ARG B 80 22.38 25.29 21.60
CA ARG B 80 21.61 26.52 21.75
C ARG B 80 20.35 26.25 22.55
N VAL B 81 20.13 27.05 23.59
CA VAL B 81 19.02 26.89 24.52
C VAL B 81 18.00 27.99 24.24
N TYR B 82 16.81 27.55 23.84
CA TYR B 82 15.66 28.42 23.56
C TYR B 82 14.66 28.33 24.69
N TYR B 83 14.29 29.48 25.27
CA TYR B 83 13.24 29.55 26.29
C TYR B 83 11.98 30.10 25.64
N PRO B 84 10.80 29.56 26.01
CA PRO B 84 9.56 30.14 25.50
C PRO B 84 9.23 31.46 26.19
N LYS B 85 8.17 32.12 25.73
CA LYS B 85 7.77 33.40 26.26
C LYS B 85 7.00 33.27 27.57
N THR B 86 6.56 32.10 27.91
CA THR B 86 5.82 31.84 29.14
C THR B 86 6.74 31.70 30.35
N GLN B 87 6.15 31.73 31.54
CA GLN B 87 6.90 31.59 32.79
C GLN B 87 7.21 30.12 33.03
N GLY B 88 8.37 29.83 33.62
CA GLY B 88 8.65 28.49 34.13
C GLY B 88 7.85 28.10 35.39
N PRO B 89 8.04 26.87 35.90
CA PRO B 89 9.00 25.86 35.44
C PRO B 89 8.62 25.29 34.07
N TYR B 90 9.54 24.53 33.49
CA TYR B 90 9.40 24.06 32.10
C TYR B 90 9.61 22.57 32.00
N GLY B 91 9.14 22.00 30.90
CA GLY B 91 9.73 20.76 30.38
C GLY B 91 10.84 21.16 29.43
N VAL B 92 11.77 20.23 29.21
CA VAL B 92 12.91 20.48 28.33
C VAL B 92 12.93 19.44 27.20
N LEU B 93 12.97 19.92 25.96
CA LEU B 93 13.18 19.07 24.79
C LEU B 93 14.60 19.19 24.30
N VAL B 94 15.35 18.10 24.33
CA VAL B 94 16.67 18.09 23.69
C VAL B 94 16.48 17.67 22.23
N TYR B 95 16.90 18.54 21.32
CA TYR B 95 16.59 18.36 19.91
C TYR B 95 17.86 18.08 19.11
N TYR B 96 17.77 17.12 18.20
CA TYR B 96 18.88 16.76 17.34
C TYR B 96 18.51 17.05 15.89
N HIS B 97 19.21 18.00 15.24
CA HIS B 97 18.89 18.31 13.83
C HIS B 97 19.15 17.15 12.87
N GLY B 98 18.44 17.15 11.75
CA GLY B 98 18.69 16.22 10.67
C GLY B 98 19.76 16.71 9.69
N GLY B 99 19.90 15.99 8.59
CA GLY B 99 20.98 16.27 7.62
C GLY B 99 21.89 15.10 7.32
N GLY B 100 21.39 13.88 7.58
CA GLY B 100 22.09 12.69 7.10
C GLY B 100 23.40 12.41 7.83
N PHE B 101 23.53 12.97 9.02
CA PHE B 101 24.75 12.92 9.81
C PHE B 101 25.90 13.74 9.22
N VAL B 102 25.63 14.44 8.12
CA VAL B 102 26.67 15.16 7.35
C VAL B 102 26.41 16.68 7.27
N LEU B 103 25.13 17.08 7.15
CA LEU B 103 24.73 18.49 6.97
C LEU B 103 23.91 18.98 8.16
N GLY B 104 23.45 20.22 8.09
CA GLY B 104 22.65 20.82 9.15
C GLY B 104 23.53 21.24 10.30
N ASP B 105 22.99 22.06 11.20
CA ASP B 105 23.72 22.56 12.38
C ASP B 105 22.73 23.44 13.16
N ILE B 106 23.18 24.02 14.26
CA ILE B 106 22.33 24.90 15.08
C ILE B 106 21.77 26.08 14.28
N GLU B 107 22.61 26.73 13.48
CA GLU B 107 22.15 27.94 12.77
C GLU B 107 21.10 27.61 11.71
N SER B 108 21.33 26.57 10.92
CA SER B 108 20.40 26.26 9.83
C SER B 108 19.07 25.72 10.36
N TYR B 109 19.08 25.17 11.58
CA TYR B 109 17.86 24.67 12.24
C TYR B 109 17.23 25.67 13.21
N ASP B 110 17.76 26.90 13.22
CA ASP B 110 17.29 27.90 14.18
C ASP B 110 15.81 28.25 13.98
N PRO B 111 15.35 28.37 12.72
CA PRO B 111 13.93 28.73 12.60
C PRO B 111 12.99 27.61 13.10
N LEU B 112 13.37 26.36 12.86
CA LEU B 112 12.54 25.24 13.29
C LEU B 112 12.55 25.11 14.82
N CYS B 113 13.72 25.25 15.43
CA CYS B 113 13.76 25.21 16.89
C CYS B 113 12.99 26.33 17.59
N ARG B 114 12.94 27.52 16.98
CA ARG B 114 12.13 28.60 17.54
C ARG B 114 10.65 28.23 17.47
N ALA B 115 10.24 27.70 16.32
CA ALA B 115 8.85 27.35 16.09
C ALA B 115 8.39 26.24 17.05
N ILE B 116 9.28 25.27 17.28
CA ILE B 116 8.96 24.17 18.20
C ILE B 116 8.87 24.69 19.64
N THR B 117 9.83 25.54 20.00
CA THR B 117 9.83 26.16 21.33
C THR B 117 8.50 26.86 21.64
N ASN B 118 8.04 27.70 20.71
CA ASN B 118 6.78 28.41 20.91
C ASN B 118 5.58 27.48 20.87
N SER B 119 5.64 26.47 20.01
CA SER B 119 4.55 25.53 19.91
C SER B 119 4.40 24.67 21.17
N CYS B 120 5.52 24.10 21.67
CA CYS B 120 5.53 23.25 22.90
C CYS B 120 5.48 24.06 24.22
N GLN B 121 5.77 25.36 24.13
CA GLN B 121 6.03 26.22 25.30
C GLN B 121 6.99 25.59 26.29
N CYS B 122 8.10 25.10 25.76
CA CYS B 122 9.04 24.35 26.56
C CYS B 122 10.44 24.86 26.20
N VAL B 123 11.43 24.57 27.03
CA VAL B 123 12.81 24.92 26.69
C VAL B 123 13.29 23.93 25.65
N THR B 124 13.87 24.43 24.56
CA THR B 124 14.40 23.55 23.52
C THR B 124 15.91 23.72 23.46
N ILE B 125 16.63 22.59 23.50
CA ILE B 125 18.09 22.62 23.46
C ILE B 125 18.59 21.93 22.19
N SER B 126 19.08 22.72 21.23
CA SER B 126 19.47 22.21 19.92
C SER B 126 20.96 21.85 19.95
N VAL B 127 21.27 20.59 19.68
CA VAL B 127 22.62 20.05 20.00
C VAL B 127 23.44 20.06 18.72
N ASP B 128 24.67 20.60 18.79
CA ASP B 128 25.59 20.59 17.65
C ASP B 128 26.50 19.36 17.69
N TYR B 129 25.93 18.19 17.40
CA TYR B 129 26.70 16.97 17.47
C TYR B 129 27.71 16.93 16.30
N ARG B 130 28.82 16.21 16.47
CA ARG B 130 29.85 16.14 15.44
C ARG B 130 29.33 15.47 14.18
N LEU B 131 29.79 15.96 13.03
CA LEU B 131 29.26 15.54 11.75
C LEU B 131 30.29 14.70 11.02
N ALA B 132 29.79 13.84 10.13
CA ALA B 132 30.61 13.11 9.16
C ALA B 132 30.73 13.93 7.87
N PRO B 133 31.74 13.62 7.03
CA PRO B 133 32.68 12.51 7.15
C PRO B 133 33.84 12.76 8.12
N GLU B 134 33.97 13.99 8.62
CA GLU B 134 35.08 14.32 9.54
C GLU B 134 35.09 13.47 10.79
N ASN B 135 33.90 13.26 11.37
CA ASN B 135 33.75 12.44 12.56
C ASN B 135 32.79 11.29 12.28
N LYS B 136 33.33 10.09 12.14
CA LYS B 136 32.51 8.95 11.75
C LYS B 136 31.69 8.48 12.94
N PHE B 137 30.60 7.76 12.66
CA PHE B 137 29.97 6.90 13.64
C PHE B 137 31.02 6.29 14.56
N PRO B 138 30.76 6.27 15.89
CA PRO B 138 29.57 6.72 16.59
C PRO B 138 29.66 8.16 17.17
N ALA B 139 30.42 9.04 16.55
CA ALA B 139 30.66 10.38 17.11
C ALA B 139 29.34 11.15 17.36
N ALA B 140 28.43 11.12 16.39
CA ALA B 140 27.15 11.82 16.54
C ALA B 140 26.35 11.27 17.72
N VAL B 141 26.35 9.95 17.88
CA VAL B 141 25.63 9.30 18.97
C VAL B 141 26.25 9.65 20.33
N VAL B 142 27.58 9.59 20.40
CA VAL B 142 28.28 9.86 21.63
C VAL B 142 27.95 11.29 22.10
N ASP B 143 28.07 12.26 21.19
CA ASP B 143 27.74 13.64 21.54
C ASP B 143 26.27 13.76 21.96
N SER B 144 25.38 13.15 21.16
CA SER B 144 23.95 13.30 21.44
C SER B 144 23.60 12.77 22.81
N PHE B 145 24.13 11.60 23.14
CA PHE B 145 23.83 11.02 24.45
C PHE B 145 24.54 11.81 25.59
N ASP B 146 25.80 12.17 25.38
CA ASP B 146 26.50 13.00 26.39
C ASP B 146 25.69 14.28 26.68
N ALA B 147 25.23 14.94 25.64
CA ALA B 147 24.43 16.15 25.81
C ALA B 147 23.14 15.88 26.60
N LEU B 148 22.45 14.80 26.30
CA LEU B 148 21.24 14.46 27.01
C LEU B 148 21.49 14.20 28.50
N LYS B 149 22.54 13.45 28.77
CA LYS B 149 22.98 13.15 30.11
C LYS B 149 23.30 14.44 30.88
N TRP B 150 24.05 15.30 30.25
CA TRP B 150 24.41 16.56 30.89
C TRP B 150 23.16 17.38 31.21
N VAL B 151 22.22 17.43 30.27
CA VAL B 151 20.99 18.20 30.45
C VAL B 151 20.15 17.61 31.58
N TYR B 152 20.00 16.29 31.55
CA TYR B 152 19.26 15.58 32.57
C TYR B 152 19.84 15.87 33.96
N ASN B 153 21.15 15.81 34.08
CA ASN B 153 21.82 16.01 35.38
C ASN B 153 21.90 17.49 35.79
N ASN B 154 21.62 18.39 34.84
CA ASN B 154 21.66 19.83 35.10
C ASN B 154 20.33 20.54 34.84
N SER B 155 19.22 19.84 35.09
CA SER B 155 17.92 20.31 34.61
C SER B 155 17.47 21.59 35.32
N GLU B 156 17.97 21.78 36.55
CA GLU B 156 17.70 22.98 37.34
C GLU B 156 18.18 24.26 36.67
N LYS B 157 19.27 24.17 35.91
CA LYS B 157 19.77 25.31 35.17
C LYS B 157 18.74 25.86 34.20
N PHE B 158 17.82 25.00 33.77
CA PHE B 158 16.80 25.41 32.81
C PHE B 158 15.42 25.48 33.47
N ASN B 159 15.40 25.39 34.79
CA ASN B 159 14.16 25.25 35.53
C ASN B 159 13.27 24.14 34.97
N GLY B 160 13.88 23.00 34.70
CA GLY B 160 13.27 21.97 33.88
C GLY B 160 12.58 20.96 34.76
N LYS B 161 11.73 21.44 35.67
CA LYS B 161 11.13 20.57 36.68
C LYS B 161 10.14 19.58 36.10
N TYR B 162 9.56 19.91 34.94
CA TYR B 162 8.58 19.01 34.34
C TYR B 162 9.23 17.91 33.52
N GLY B 163 10.55 17.89 33.45
CA GLY B 163 11.28 16.75 32.94
C GLY B 163 11.73 16.94 31.49
N ILE B 164 12.30 15.89 30.93
CA ILE B 164 13.15 15.97 29.74
C ILE B 164 12.58 15.05 28.64
N ALA B 165 12.45 15.58 27.43
CA ALA B 165 12.10 14.77 26.26
C ALA B 165 13.21 14.89 25.20
N VAL B 166 13.22 13.98 24.22
CA VAL B 166 14.21 14.07 23.13
C VAL B 166 13.43 14.10 21.82
N GLY B 167 13.99 14.71 20.78
CA GLY B 167 13.32 14.73 19.49
C GLY B 167 14.27 15.11 18.38
N GLY B 168 13.87 14.84 17.15
CA GLY B 168 14.80 15.07 16.05
C GLY B 168 14.20 14.67 14.72
N ASP B 169 14.78 15.16 13.62
CA ASP B 169 14.18 14.87 12.32
C ASP B 169 15.17 14.11 11.46
N SER B 170 14.69 13.05 10.83
CA SER B 170 15.55 12.19 10.01
C SER B 170 16.75 11.56 10.75
N ALA B 171 17.99 11.92 10.39
CA ALA B 171 19.16 11.45 11.17
C ALA B 171 19.04 11.91 12.63
N GLY B 172 18.45 13.09 12.84
CA GLY B 172 18.16 13.56 14.20
C GLY B 172 17.12 12.68 14.90
N GLY B 173 16.18 12.14 14.16
CA GLY B 173 15.19 11.23 14.76
C GLY B 173 15.85 9.92 15.16
N ASN B 174 16.75 9.45 14.29
CA ASN B 174 17.67 8.37 14.64
C ASN B 174 18.39 8.64 15.96
N LEU B 175 18.97 9.83 16.09
CA LEU B 175 19.72 10.16 17.31
C LEU B 175 18.78 10.22 18.52
N ALA B 176 17.60 10.77 18.32
CA ALA B 176 16.67 10.86 19.45
C ALA B 176 16.29 9.44 19.90
N ALA B 177 16.01 8.57 18.95
CA ALA B 177 15.59 7.19 19.28
C ALA B 177 16.73 6.45 19.99
N VAL B 178 17.94 6.58 19.46
CA VAL B 178 19.10 5.90 20.05
C VAL B 178 19.43 6.42 21.45
N THR B 179 19.31 7.73 21.64
CA THR B 179 19.53 8.37 22.93
C THR B 179 18.50 7.88 23.95
N ALA B 180 17.26 7.68 23.51
CA ALA B 180 16.24 7.12 24.40
C ALA B 180 16.60 5.70 24.83
N ILE B 181 17.12 4.91 23.89
CA ILE B 181 17.50 3.54 24.20
C ILE B 181 18.66 3.56 25.21
N LEU B 182 19.67 4.37 24.93
CA LEU B 182 20.83 4.47 25.81
C LEU B 182 20.45 4.96 27.20
N SER B 183 19.48 5.83 27.27
CA SER B 183 19.00 6.35 28.52
C SER B 183 18.41 5.28 29.43
N LYS B 184 17.66 4.38 28.84
CA LYS B 184 16.92 3.41 29.56
C LYS B 184 17.94 2.53 30.22
N LYS B 185 19.00 2.22 29.49
CA LYS B 185 20.07 1.44 30.01
C LYS B 185 20.74 2.02 31.24
N GLU B 186 20.68 3.33 31.36
CA GLU B 186 21.41 4.05 32.39
C GLU B 186 20.45 4.55 33.47
N ASN B 187 19.21 4.09 33.41
CA ASN B 187 18.16 4.57 34.31
C ASN B 187 17.89 6.09 34.25
N ILE B 188 18.04 6.68 33.06
CA ILE B 188 17.61 8.06 32.84
C ILE B 188 16.16 8.05 32.36
N LYS B 189 15.30 8.79 33.06
CA LYS B 189 13.85 8.66 32.90
C LYS B 189 13.29 9.80 32.06
N LEU B 190 13.04 9.55 30.79
CA LEU B 190 12.63 10.60 29.85
C LEU B 190 11.11 10.63 29.77
N LYS B 191 10.56 11.80 29.49
CA LYS B 191 9.11 11.94 29.42
C LYS B 191 8.57 11.42 28.09
N TYR B 192 9.31 11.62 27.01
CA TYR B 192 8.71 11.54 25.66
C TYR B 192 9.81 11.56 24.59
N GLN B 193 9.49 10.98 23.44
CA GLN B 193 10.37 11.07 22.29
C GLN B 193 9.58 11.47 21.05
N VAL B 194 10.07 12.49 20.35
CA VAL B 194 9.40 12.96 19.13
C VAL B 194 10.28 12.61 17.94
N LEU B 195 9.82 11.72 17.06
CA LEU B 195 10.69 11.21 16.01
C LEU B 195 10.08 11.62 14.69
N ILE B 196 10.70 12.60 14.05
CA ILE B 196 10.15 13.21 12.86
C ILE B 196 10.79 12.60 11.62
N TYR B 197 9.98 11.84 10.86
CA TYR B 197 10.49 11.01 9.77
C TYR B 197 11.89 10.45 10.04
N PRO B 198 12.00 9.62 11.08
CA PRO B 198 13.32 9.10 11.47
C PRO B 198 13.87 8.07 10.48
N ALA B 199 15.20 7.95 10.44
CA ALA B 199 15.82 6.76 9.89
C ALA B 199 16.14 5.81 11.02
N VAL B 200 15.59 4.59 10.98
CA VAL B 200 15.71 3.65 12.11
C VAL B 200 16.46 2.37 11.78
N SER B 201 16.84 2.21 10.52
CA SER B 201 17.46 0.97 10.07
C SER B 201 18.17 1.15 8.74
N PHE B 202 19.23 0.38 8.58
CA PHE B 202 19.73 0.06 7.26
C PHE B 202 18.59 -0.65 6.51
N ASP B 203 18.39 -0.30 5.27
CA ASP B 203 17.21 -0.71 4.53
C ASP B 203 17.49 -0.98 3.06
N LEU B 204 17.32 -2.22 2.67
CA LEU B 204 17.30 -2.62 1.27
C LEU B 204 15.97 -3.27 0.82
N ILE B 205 14.96 -3.18 1.66
CA ILE B 205 13.79 -4.01 1.52
C ILE B 205 12.39 -3.37 1.60
N THR B 206 12.28 -2.23 2.24
CA THR B 206 10.93 -1.67 2.39
C THR B 206 10.37 -1.20 1.05
N LYS B 207 9.05 -1.35 0.90
CA LYS B 207 8.40 -0.96 -0.34
C LYS B 207 8.56 0.56 -0.58
N SER B 208 8.49 1.36 0.48
CA SER B 208 8.60 2.81 0.33
C SER B 208 9.99 3.26 -0.14
N LEU B 209 11.01 2.49 0.20
CA LEU B 209 12.37 2.77 -0.28
C LEU B 209 12.44 2.75 -1.82
N TYR B 210 11.73 1.80 -2.41
CA TYR B 210 11.68 1.65 -3.86
C TYR B 210 10.63 2.56 -4.54
N ASP B 211 9.43 2.62 -3.96
CA ASP B 211 8.37 3.50 -4.48
C ASP B 211 8.76 4.97 -4.44
N ASN B 212 9.45 5.36 -3.36
CA ASN B 212 9.69 6.78 -3.10
C ASN B 212 11.16 7.13 -3.24
N GLY B 213 11.97 6.20 -3.75
CA GLY B 213 13.43 6.38 -3.77
C GLY B 213 14.00 7.35 -4.82
N GLU B 214 13.15 7.82 -5.72
CA GLU B 214 13.58 8.84 -6.70
C GLU B 214 12.52 9.92 -6.84
N GLY B 215 12.96 11.17 -7.00
CA GLY B 215 12.04 12.23 -7.42
C GLY B 215 11.34 12.94 -6.28
N PHE B 216 11.68 12.58 -5.02
CA PHE B 216 11.01 13.17 -3.85
C PHE B 216 12.05 13.74 -2.91
N PHE B 217 13.05 14.43 -3.50
CA PHE B 217 14.03 15.18 -2.71
C PHE B 217 15.10 14.34 -2.02
N LEU B 218 14.65 13.45 -1.12
CA LEU B 218 15.58 12.50 -0.51
C LEU B 218 15.55 11.24 -1.36
N THR B 219 16.66 10.92 -2.02
CA THR B 219 16.72 9.77 -2.93
C THR B 219 17.51 8.62 -2.30
N ARG B 220 17.37 7.41 -2.88
CA ARG B 220 18.29 6.29 -2.63
C ARG B 220 19.75 6.68 -2.67
N GLU B 221 20.14 7.38 -3.74
CA GLU B 221 21.52 7.81 -3.94
C GLU B 221 22.01 8.64 -2.76
N HIS B 222 21.18 9.55 -2.28
CA HIS B 222 21.50 10.34 -1.08
C HIS B 222 21.65 9.48 0.16
N ILE B 223 20.68 8.60 0.38
CA ILE B 223 20.69 7.72 1.55
C ILE B 223 21.97 6.88 1.59
N ASP B 224 22.32 6.27 0.46
CA ASP B 224 23.61 5.57 0.30
C ASP B 224 24.80 6.47 0.64
N TRP B 225 24.88 7.62 -0.03
CA TRP B 225 26.00 8.53 0.19
C TRP B 225 26.15 8.92 1.67
N PHE B 226 25.06 9.34 2.31
CA PHE B 226 25.10 9.63 3.74
C PHE B 226 25.62 8.44 4.54
N GLY B 227 25.07 7.25 4.30
CA GLY B 227 25.56 6.05 5.02
C GLY B 227 27.05 5.80 4.83
N GLN B 228 27.55 6.04 3.62
CA GLN B 228 28.98 5.87 3.33
C GLN B 228 29.86 6.88 4.08
N GLN B 229 29.38 8.11 4.23
CA GLN B 229 30.14 9.14 4.93
C GLN B 229 30.23 8.82 6.42
N TYR B 230 29.16 8.25 6.97
CA TYR B 230 28.95 8.18 8.41
C TYR B 230 29.57 6.91 9.02
N LEU B 231 29.36 5.76 8.37
CA LEU B 231 29.80 4.49 8.94
C LEU B 231 31.30 4.21 8.78
N ARG B 232 31.87 3.49 9.74
CA ARG B 232 33.29 3.11 9.65
C ARG B 232 33.48 1.86 8.81
N SER B 233 32.65 0.86 9.04
CA SER B 233 32.73 -0.39 8.27
C SER B 233 31.36 -1.09 8.24
N PHE B 234 31.32 -2.21 7.51
CA PHE B 234 30.11 -3.02 7.39
C PHE B 234 29.63 -3.55 8.75
N ALA B 235 30.56 -3.78 9.67
CA ALA B 235 30.19 -4.27 10.99
C ALA B 235 29.26 -3.32 11.74
N ASP B 236 29.33 -2.01 11.44
CA ASP B 236 28.47 -1.03 12.12
C ASP B 236 26.99 -1.28 11.79
N LEU B 237 26.72 -1.97 10.69
CA LEU B 237 25.33 -2.36 10.37
C LEU B 237 24.68 -3.24 11.44
N LEU B 238 25.50 -3.91 12.24
CA LEU B 238 24.98 -4.74 13.34
C LEU B 238 24.65 -3.91 14.59
N ASP B 239 25.01 -2.63 14.58
CA ASP B 239 25.00 -1.82 15.81
C ASP B 239 23.63 -1.16 15.97
N PHE B 240 22.96 -1.38 17.11
CA PHE B 240 21.68 -0.71 17.39
C PHE B 240 21.79 0.81 17.43
N ARG B 241 22.99 1.32 17.69
CA ARG B 241 23.27 2.77 17.67
C ARG B 241 23.23 3.40 16.27
N PHE B 242 23.32 2.55 15.23
CA PHE B 242 23.00 2.96 13.86
C PHE B 242 21.56 2.60 13.46
N SER B 243 21.15 1.37 13.77
CA SER B 243 19.77 0.92 13.50
C SER B 243 19.01 0.64 14.80
N PRO B 244 18.37 1.67 15.38
CA PRO B 244 17.74 1.43 16.69
C PRO B 244 16.60 0.42 16.63
N ILE B 245 16.08 0.13 15.43
CA ILE B 245 15.05 -0.90 15.32
C ILE B 245 15.53 -2.23 15.94
N LEU B 246 16.84 -2.45 15.89
CA LEU B 246 17.43 -3.68 16.42
C LEU B 246 17.27 -3.84 17.93
N ALA B 247 17.13 -2.74 18.65
CA ALA B 247 17.15 -2.79 20.11
C ALA B 247 15.89 -3.38 20.69
N ASP B 248 15.97 -3.79 21.94
CA ASP B 248 14.80 -4.09 22.74
C ASP B 248 14.14 -2.77 23.13
N LEU B 249 12.90 -2.57 22.69
CA LEU B 249 12.21 -1.27 22.82
C LEU B 249 11.29 -1.20 24.04
N ASN B 250 11.29 -2.24 24.87
CA ASN B 250 10.51 -2.21 26.12
C ASN B 250 10.94 -1.03 26.98
N ASP B 251 9.96 -0.44 27.66
CA ASP B 251 10.18 0.57 28.71
C ASP B 251 10.78 1.89 28.20
N LEU B 252 10.68 2.14 26.90
CA LEU B 252 11.07 3.46 26.35
C LEU B 252 9.96 4.47 26.59
N PRO B 253 10.29 5.78 26.50
CA PRO B 253 9.26 6.78 26.67
C PRO B 253 8.23 6.72 25.53
N PRO B 254 7.00 7.15 25.81
CA PRO B 254 5.95 7.25 24.81
C PRO B 254 6.39 8.20 23.68
N ALA B 255 5.85 8.00 22.48
CA ALA B 255 6.44 8.55 21.26
C ALA B 255 5.35 9.19 20.40
N LEU B 256 5.71 10.28 19.72
CA LEU B 256 4.99 10.74 18.54
C LEU B 256 5.91 10.45 17.36
N ILE B 257 5.39 9.73 16.37
CA ILE B 257 6.23 9.40 15.23
C ILE B 257 5.51 9.89 13.98
N ILE B 258 6.13 10.88 13.34
CA ILE B 258 5.58 11.48 12.12
C ILE B 258 6.30 10.89 10.91
N THR B 259 5.51 10.44 9.93
CA THR B 259 6.10 9.98 8.70
C THR B 259 5.46 10.78 7.57
N ALA B 260 6.05 10.67 6.39
CA ALA B 260 5.52 11.38 5.22
C ALA B 260 5.18 10.35 4.15
N GLU B 261 4.02 10.53 3.53
CA GLU B 261 3.56 9.59 2.52
C GLU B 261 4.58 9.30 1.40
N HIS B 262 5.26 10.33 0.89
CA HIS B 262 6.20 10.17 -0.23
C HIS B 262 7.67 10.16 0.19
N ASP B 263 7.96 9.59 1.36
CA ASP B 263 9.32 9.52 1.90
C ASP B 263 9.80 8.07 1.74
N PRO B 264 11.01 7.86 1.16
CA PRO B 264 11.53 6.47 1.17
C PRO B 264 11.64 5.88 2.59
N LEU B 265 11.77 6.74 3.60
CA LEU B 265 11.93 6.27 5.00
C LEU B 265 10.59 5.93 5.67
N ARG B 266 9.50 6.12 4.93
CA ARG B 266 8.16 6.07 5.56
C ARG B 266 7.90 4.71 6.24
N ASP B 267 8.10 3.64 5.47
CA ASP B 267 7.75 2.33 6.00
C ASP B 267 8.57 1.99 7.26
N GLN B 268 9.85 2.33 7.26
CA GLN B 268 10.67 1.99 8.43
C GLN B 268 10.34 2.85 9.64
N GLY B 269 9.91 4.08 9.43
CA GLY B 269 9.40 4.88 10.56
C GLY B 269 8.16 4.24 11.16
N GLU B 270 7.25 3.80 10.30
CA GLU B 270 6.01 3.19 10.80
C GLU B 270 6.29 1.84 11.48
N ALA B 271 7.36 1.19 11.05
CA ALA B 271 7.79 -0.07 11.67
C ALA B 271 8.30 0.18 13.08
N TYR B 272 9.01 1.29 13.28
CA TYR B 272 9.52 1.59 14.61
C TYR B 272 8.38 1.87 15.57
N ALA B 273 7.36 2.57 15.08
CA ALA B 273 6.16 2.79 15.87
C ALA B 273 5.53 1.42 16.25
N ASN B 274 5.38 0.56 15.27
CA ASN B 274 4.76 -0.76 15.51
C ASN B 274 5.57 -1.59 16.51
N LYS B 275 6.88 -1.61 16.35
CA LYS B 275 7.73 -2.33 17.32
C LYS B 275 7.66 -1.73 18.73
N LEU B 276 7.53 -0.42 18.84
CA LEU B 276 7.30 0.20 20.14
C LEU B 276 5.99 -0.28 20.75
N LEU B 277 4.91 -0.25 19.96
CA LEU B 277 3.62 -0.73 20.44
C LEU B 277 3.71 -2.20 20.87
N GLN B 278 4.35 -3.02 20.04
CA GLN B 278 4.52 -4.44 20.32
C GLN B 278 5.28 -4.63 21.62
N SER B 279 6.03 -3.61 22.03
CA SER B 279 6.87 -3.69 23.21
C SER B 279 6.25 -3.00 24.41
N GLY B 280 4.95 -2.72 24.33
CA GLY B 280 4.21 -2.08 25.41
C GLY B 280 4.35 -0.58 25.57
N VAL B 281 4.93 0.11 24.57
CA VAL B 281 5.10 1.56 24.62
C VAL B 281 3.94 2.29 23.94
N GLN B 282 3.41 3.33 24.53
CA GLN B 282 2.39 4.12 23.89
C GLN B 282 2.98 4.99 22.74
N VAL B 283 2.37 4.95 21.57
CA VAL B 283 2.84 5.67 20.42
C VAL B 283 1.70 6.22 19.59
N THR B 284 1.75 7.49 19.30
CA THR B 284 0.95 8.05 18.26
C THR B 284 1.72 8.14 16.95
N SER B 285 1.32 7.37 15.97
CA SER B 285 2.04 7.29 14.69
C SER B 285 1.14 7.92 13.64
N VAL B 286 1.60 9.02 13.03
CA VAL B 286 0.75 9.79 12.12
C VAL B 286 1.50 9.97 10.80
N ARG B 287 0.91 9.46 9.72
CA ARG B 287 1.48 9.68 8.40
C ARG B 287 0.86 10.95 7.81
N PHE B 288 1.70 11.95 7.54
CA PHE B 288 1.24 13.12 6.80
C PHE B 288 1.23 12.79 5.31
N ASN B 289 0.04 12.84 4.72
CA ASN B 289 -0.12 12.51 3.31
C ASN B 289 0.29 13.69 2.38
N ASN B 290 0.55 13.36 1.11
CA ASN B 290 0.83 14.35 0.07
C ASN B 290 2.13 15.13 0.25
N VAL B 291 2.99 14.73 1.18
CA VAL B 291 4.20 15.49 1.44
C VAL B 291 5.45 14.62 1.35
N ILE B 292 6.60 15.26 1.21
CA ILE B 292 7.85 14.54 1.06
C ILE B 292 8.68 14.59 2.32
N HIS B 293 9.74 13.79 2.37
CA HIS B 293 10.76 13.95 3.40
C HIS B 293 11.18 15.40 3.57
N GLY B 294 11.33 15.84 4.82
CA GLY B 294 11.78 17.20 5.10
C GLY B 294 10.70 18.26 5.20
N PHE B 295 9.43 17.86 5.05
CA PHE B 295 8.37 18.87 4.94
C PHE B 295 8.21 19.72 6.21
N VAL B 296 8.67 19.19 7.34
CA VAL B 296 8.53 19.94 8.61
C VAL B 296 9.53 21.10 8.68
N SER B 297 10.73 20.86 8.17
CA SER B 297 11.71 21.96 8.00
C SER B 297 11.20 23.09 7.11
N PHE B 298 10.34 22.74 6.16
CA PHE B 298 9.78 23.71 5.23
C PHE B 298 8.46 24.30 5.66
N PHE B 299 8.23 24.32 6.99
CA PHE B 299 6.99 24.84 7.56
C PHE B 299 6.60 26.25 7.10
N PRO B 300 7.58 27.13 6.78
CA PRO B 300 7.13 28.47 6.36
C PRO B 300 6.38 28.48 5.02
N PHE B 301 6.55 27.44 4.21
CA PHE B 301 5.97 27.40 2.87
C PHE B 301 5.06 26.19 2.66
N ILE B 302 5.23 25.17 3.50
CA ILE B 302 4.42 23.96 3.41
C ILE B 302 3.51 23.86 4.66
N GLU B 303 2.24 24.21 4.51
CA GLU B 303 1.37 24.42 5.65
C GLU B 303 1.24 23.13 6.47
N GLN B 304 1.34 21.98 5.80
CA GLN B 304 1.34 20.70 6.51
C GLN B 304 2.50 20.59 7.53
N GLY B 305 3.62 21.23 7.24
CA GLY B 305 4.74 21.26 8.20
C GLY B 305 4.43 22.10 9.43
N ARG B 306 3.76 23.24 9.21
CA ARG B 306 3.30 24.07 10.33
C ARG B 306 2.33 23.26 11.19
N ASP B 307 1.44 22.53 10.55
CA ASP B 307 0.46 21.74 11.30
C ASP B 307 1.15 20.59 12.04
N ALA B 308 2.17 19.98 11.43
CA ALA B 308 2.98 18.99 12.17
C ALA B 308 3.61 19.58 13.43
N ILE B 309 4.11 20.82 13.33
CA ILE B 309 4.72 21.47 14.49
C ILE B 309 3.64 21.76 15.56
N GLY B 310 2.43 22.05 15.11
CA GLY B 310 1.31 22.23 16.02
C GLY B 310 1.00 20.94 16.79
N LEU B 311 1.08 19.82 16.10
CA LEU B 311 0.83 18.51 16.74
C LEU B 311 1.95 18.19 17.72
N ILE B 312 3.20 18.47 17.34
CA ILE B 312 4.33 18.24 18.24
C ILE B 312 4.18 19.08 19.49
N GLY B 313 3.73 20.32 19.35
CA GLY B 313 3.54 21.21 20.50
C GLY B 313 2.41 20.70 21.39
N TYR B 314 1.33 20.22 20.76
CA TYR B 314 0.25 19.66 21.56
C TYR B 314 0.68 18.49 22.44
N VAL B 315 1.34 17.49 21.85
CA VAL B 315 1.70 16.30 22.61
C VAL B 315 2.69 16.63 23.74
N LEU B 316 3.64 17.52 23.47
CA LEU B 316 4.59 17.90 24.52
C LEU B 316 3.96 18.78 25.61
N ARG B 317 3.09 19.72 25.25
CA ARG B 317 2.33 20.42 26.29
C ARG B 317 1.54 19.44 27.18
N LYS B 318 0.94 18.43 26.53
CA LYS B 318 0.14 17.43 27.25
C LYS B 318 1.02 16.64 28.22
N VAL B 319 2.16 16.15 27.74
CA VAL B 319 2.99 15.28 28.55
C VAL B 319 3.71 16.05 29.64
N PHE B 320 4.14 17.29 29.35
CA PHE B 320 4.89 18.10 30.33
C PHE B 320 3.91 18.75 31.33
N TYR B 321 2.84 19.34 30.82
CA TYR B 321 2.02 20.24 31.62
C TYR B 321 0.62 19.72 31.92
N GLY B 322 0.21 18.67 31.27
CA GLY B 322 -1.12 18.13 31.47
C GLY B 322 -2.16 18.78 30.58
N LYS B 323 -1.70 19.39 29.48
CA LYS B 323 -2.43 19.85 28.30
C LYS B 323 -2.58 21.35 28.25
N ALA C 41 -31.66 -6.21 16.51
CA ALA C 41 -31.98 -4.90 17.17
C ALA C 41 -32.67 -3.95 16.19
N SER C 42 -33.69 -3.24 16.69
CA SER C 42 -34.31 -2.17 15.94
C SER C 42 -33.40 -0.93 15.92
N VAL C 43 -33.62 -0.06 14.95
CA VAL C 43 -32.99 1.26 14.96
C VAL C 43 -33.12 1.92 16.33
N GLU C 44 -34.34 1.96 16.87
CA GLU C 44 -34.58 2.49 18.21
C GLU C 44 -33.60 1.93 19.25
N GLU C 45 -33.38 0.62 19.20
CA GLU C 45 -32.56 -0.03 20.23
C GLU C 45 -31.09 0.35 20.09
N ILE C 46 -30.63 0.47 18.85
CA ILE C 46 -29.24 0.85 18.59
C ILE C 46 -28.96 2.27 19.02
N ARG C 47 -29.87 3.18 18.68
CA ARG C 47 -29.72 4.58 19.06
C ARG C 47 -29.61 4.66 20.58
N SER C 48 -30.45 3.89 21.26
CA SER C 48 -30.51 3.94 22.71
C SER C 48 -29.24 3.40 23.35
N LEU C 49 -28.66 2.37 22.74
CA LEU C 49 -27.42 1.77 23.24
C LEU C 49 -26.23 2.73 23.14
N PHE C 50 -26.10 3.44 22.03
CA PHE C 50 -25.06 4.45 21.93
C PHE C 50 -25.19 5.59 22.96
N LYS C 51 -26.41 6.09 23.15
CA LYS C 51 -26.67 7.11 24.17
C LYS C 51 -26.24 6.67 25.58
N GLN C 52 -26.53 5.41 25.91
CA GLN C 52 -26.26 4.90 27.25
C GLN C 52 -24.76 4.83 27.52
N PHE C 53 -24.07 4.16 26.62
CA PHE C 53 -22.61 4.19 26.55
C PHE C 53 -22.04 5.60 26.77
N SER C 54 -22.45 6.53 25.92
CA SER C 54 -21.93 7.89 25.98
C SER C 54 -22.23 8.53 27.33
N SER C 55 -23.38 8.17 27.92
CA SER C 55 -23.78 8.68 29.24
C SER C 55 -22.74 8.39 30.31
N LEU C 56 -21.95 7.33 30.11
CA LEU C 56 -20.95 6.94 31.09
C LEU C 56 -19.73 7.85 31.08
N THR C 57 -19.53 8.57 29.98
CA THR C 57 -18.33 9.39 29.78
C THR C 57 -18.33 10.63 30.66
N PRO C 58 -17.20 10.88 31.36
CA PRO C 58 -17.08 12.18 32.03
C PRO C 58 -17.08 13.29 30.98
N ARG C 59 -17.77 14.39 31.28
CA ARG C 59 -17.90 15.52 30.36
C ARG C 59 -17.03 16.66 30.86
N GLU C 60 -16.11 17.14 30.03
CA GLU C 60 -15.27 18.27 30.42
C GLU C 60 -16.12 19.50 30.61
N GLU C 61 -15.72 20.33 31.57
CA GLU C 61 -16.36 21.60 31.78
C GLU C 61 -16.07 22.50 30.60
N VAL C 62 -17.05 23.25 30.16
CA VAL C 62 -16.78 24.37 29.26
C VAL C 62 -17.31 25.66 29.89
N GLY C 63 -17.37 26.72 29.11
CA GLY C 63 -17.72 28.04 29.64
C GLY C 63 -19.19 28.18 29.93
N LYS C 64 -20.01 27.76 28.99
CA LYS C 64 -21.44 28.07 28.99
C LYS C 64 -22.07 27.21 27.90
N ILE C 65 -23.24 26.62 28.18
CA ILE C 65 -23.98 25.90 27.15
C ILE C 65 -25.39 26.46 26.99
N GLU C 66 -25.84 26.53 25.74
CA GLU C 66 -27.12 27.13 25.41
C GLU C 66 -27.75 26.27 24.31
N ASP C 67 -28.95 25.73 24.56
CA ASP C 67 -29.73 25.03 23.53
C ASP C 67 -30.61 26.00 22.76
N ILE C 68 -30.54 25.96 21.43
CA ILE C 68 -31.25 26.91 20.58
C ILE C 68 -32.05 26.16 19.52
N THR C 69 -32.96 26.87 18.86
CA THR C 69 -33.70 26.32 17.73
C THR C 69 -33.43 27.18 16.52
N ILE C 70 -33.00 26.57 15.42
CA ILE C 70 -32.68 27.30 14.19
C ILE C 70 -33.87 27.12 13.24
N PRO C 71 -34.34 28.22 12.62
CA PRO C 71 -35.50 28.12 11.72
C PRO C 71 -35.10 27.50 10.37
N GLY C 72 -35.34 26.21 10.20
CA GLY C 72 -34.94 25.54 8.96
C GLY C 72 -35.92 25.77 7.83
N SER C 73 -35.50 25.47 6.61
CA SER C 73 -36.38 25.57 5.44
C SER C 73 -37.45 24.48 5.47
N GLU C 74 -37.19 23.38 6.16
CA GLU C 74 -38.17 22.28 6.19
C GLU C 74 -38.67 21.98 7.59
N THR C 75 -37.88 22.38 8.59
CA THR C 75 -38.18 22.04 9.96
C THR C 75 -37.37 22.90 10.92
N ASN C 76 -37.86 23.06 12.14
CA ASN C 76 -37.08 23.68 13.20
C ASN C 76 -35.96 22.75 13.63
N ILE C 77 -34.74 23.27 13.71
CA ILE C 77 -33.55 22.44 13.88
C ILE C 77 -32.92 22.76 15.23
N LYS C 78 -32.90 21.79 16.13
CA LYS C 78 -32.27 22.00 17.42
C LYS C 78 -30.73 21.99 17.33
N ALA C 79 -30.08 22.84 18.10
CA ALA C 79 -28.62 22.88 18.13
C ALA C 79 -28.20 23.21 19.53
N ARG C 80 -27.02 22.72 19.91
CA ARG C 80 -26.46 23.06 21.20
C ARG C 80 -25.20 23.89 20.99
N VAL C 81 -25.15 25.04 21.67
CA VAL C 81 -24.04 25.98 21.56
C VAL C 81 -23.10 25.83 22.77
N TYR C 82 -21.85 25.46 22.52
CA TYR C 82 -20.85 25.37 23.58
C TYR C 82 -19.91 26.57 23.50
N TYR C 83 -19.74 27.28 24.62
CA TYR C 83 -18.77 28.38 24.67
C TYR C 83 -17.55 27.90 25.44
N PRO C 84 -16.35 28.33 25.02
CA PRO C 84 -15.16 27.94 25.78
C PRO C 84 -15.02 28.85 27.00
N LYS C 85 -14.03 28.55 27.84
CA LYS C 85 -13.82 29.28 29.09
C LYS C 85 -12.99 30.56 28.91
N THR C 86 -12.62 30.87 27.69
CA THR C 86 -11.88 32.09 27.43
C THR C 86 -12.85 33.19 27.02
N GLN C 87 -12.38 34.43 27.05
CA GLN C 87 -13.19 35.56 26.57
C GLN C 87 -13.32 35.53 25.05
N GLY C 88 -14.41 36.03 24.53
CA GLY C 88 -14.58 36.26 23.11
C GLY C 88 -13.84 37.50 22.66
N PRO C 89 -14.03 37.91 21.43
CA PRO C 89 -14.81 37.21 20.44
C PRO C 89 -14.17 35.88 20.00
N TYR C 90 -14.97 35.13 19.28
CA TYR C 90 -14.69 33.76 18.95
C TYR C 90 -14.79 33.43 17.48
N GLY C 91 -14.11 32.37 17.08
CA GLY C 91 -14.47 31.61 15.92
C GLY C 91 -15.60 30.66 16.29
N VAL C 92 -16.31 30.18 15.29
CA VAL C 92 -17.42 29.29 15.49
C VAL C 92 -17.32 28.04 14.62
N LEU C 93 -17.37 26.88 15.24
CA LEU C 93 -17.34 25.62 14.55
C LEU C 93 -18.75 25.03 14.54
N VAL C 94 -19.33 24.89 13.36
CA VAL C 94 -20.58 24.15 13.25
C VAL C 94 -20.26 22.68 13.08
N TYR C 95 -20.78 21.83 13.99
CA TYR C 95 -20.35 20.43 14.05
C TYR C 95 -21.51 19.49 13.77
N TYR C 96 -21.27 18.53 12.88
CA TYR C 96 -22.28 17.52 12.49
C TYR C 96 -21.83 16.17 13.02
N HIS C 97 -22.58 15.62 13.98
CA HIS C 97 -22.26 14.29 14.51
C HIS C 97 -22.29 13.15 13.47
N GLY C 98 -21.47 12.12 13.69
CA GLY C 98 -21.54 10.89 12.88
C GLY C 98 -22.61 9.91 13.36
N GLY C 99 -22.61 8.70 12.82
CA GLY C 99 -23.67 7.71 13.13
C GLY C 99 -24.40 7.24 11.89
N GLY C 100 -23.76 7.34 10.72
CA GLY C 100 -24.25 6.70 9.50
C GLY C 100 -25.57 7.26 8.96
N PHE C 101 -25.87 8.50 9.37
CA PHE C 101 -27.13 9.20 9.03
C PHE C 101 -28.31 8.61 9.78
N VAL C 102 -28.03 7.66 10.68
CA VAL C 102 -29.10 6.86 11.33
C VAL C 102 -29.06 6.98 12.85
N LEU C 103 -27.85 7.04 13.41
CA LEU C 103 -27.64 7.07 14.86
C LEU C 103 -26.95 8.37 15.29
N GLY C 104 -26.67 8.48 16.57
CA GLY C 104 -26.12 9.68 17.15
C GLY C 104 -27.13 10.82 17.32
N ASP C 105 -26.73 11.81 18.10
CA ASP C 105 -27.57 12.97 18.39
C ASP C 105 -26.76 13.89 19.27
N ILE C 106 -27.32 15.05 19.61
CA ILE C 106 -26.60 16.03 20.41
C ILE C 106 -26.08 15.45 21.71
N GLU C 107 -26.91 14.67 22.40
CA GLU C 107 -26.53 14.26 23.74
C GLU C 107 -25.41 13.25 23.72
N SER C 108 -25.47 12.30 22.80
CA SER C 108 -24.44 11.27 22.73
C SER C 108 -23.09 11.83 22.24
N TYR C 109 -23.15 12.94 21.51
CA TYR C 109 -21.94 13.61 21.08
C TYR C 109 -21.48 14.74 22.01
N ASP C 110 -22.20 14.94 23.10
CA ASP C 110 -21.91 16.03 23.99
C ASP C 110 -20.50 15.98 24.61
N PRO C 111 -20.02 14.78 24.98
CA PRO C 111 -18.64 14.75 25.51
C PRO C 111 -17.58 15.13 24.45
N LEU C 112 -17.76 14.67 23.22
CA LEU C 112 -16.81 15.05 22.15
C LEU C 112 -16.86 16.55 21.84
N CYS C 113 -18.07 17.11 21.75
CA CYS C 113 -18.19 18.53 21.48
C CYS C 113 -17.59 19.42 22.56
N ARG C 114 -17.74 19.03 23.83
CA ARG C 114 -17.04 19.74 24.92
C ARG C 114 -15.52 19.73 24.73
N ALA C 115 -14.97 18.55 24.46
CA ALA C 115 -13.53 18.39 24.36
C ALA C 115 -13.02 19.22 23.17
N ILE C 116 -13.76 19.20 22.07
CA ILE C 116 -13.37 20.01 20.89
C ILE C 116 -13.42 21.49 21.23
N THR C 117 -14.51 21.91 21.87
CA THR C 117 -14.66 23.29 22.31
C THR C 117 -13.47 23.74 23.14
N ASN C 118 -13.08 22.95 24.13
CA ASN C 118 -11.93 23.34 24.95
C ASN C 118 -10.60 23.30 24.19
N SER C 119 -10.46 22.36 23.27
CA SER C 119 -9.22 22.24 22.52
C SER C 119 -9.06 23.41 21.55
N CYS C 120 -10.15 23.78 20.86
CA CYS C 120 -10.13 24.85 19.84
C CYS C 120 -10.28 26.25 20.45
N GLN C 121 -10.80 26.32 21.67
CA GLN C 121 -11.17 27.60 22.30
C GLN C 121 -12.09 28.42 21.40
N CYS C 122 -13.05 27.73 20.81
CA CYS C 122 -13.97 28.35 19.89
C CYS C 122 -15.37 27.97 20.32
N VAL C 123 -16.37 28.67 19.80
CA VAL C 123 -17.75 28.28 20.04
C VAL C 123 -18.04 27.07 19.15
N THR C 124 -18.65 26.03 19.73
CA THR C 124 -19.04 24.89 18.90
C THR C 124 -20.54 24.75 18.90
N ILE C 125 -21.13 24.56 17.72
CA ILE C 125 -22.58 24.45 17.58
C ILE C 125 -22.94 23.11 16.96
N SER C 126 -23.36 22.19 17.82
CA SER C 126 -23.64 20.81 17.43
C SER C 126 -25.07 20.71 16.93
N VAL C 127 -25.24 20.25 15.69
CA VAL C 127 -26.52 20.41 15.00
C VAL C 127 -27.28 19.09 15.05
N ASP C 128 -28.56 19.16 15.40
CA ASP C 128 -29.40 17.94 15.43
C ASP C 128 -30.16 17.76 14.11
N TYR C 129 -29.44 17.33 13.08
CA TYR C 129 -30.02 17.17 11.77
C TYR C 129 -30.92 15.93 11.74
N ARG C 130 -31.95 15.96 10.90
CA ARG C 130 -32.90 14.86 10.80
C ARG C 130 -32.21 13.55 10.41
N LEU C 131 -32.67 12.44 10.98
CA LEU C 131 -32.04 11.13 10.80
C LEU C 131 -32.91 10.19 9.95
N ALA C 132 -32.23 9.24 9.31
CA ALA C 132 -32.87 8.18 8.54
C ALA C 132 -33.02 6.96 9.44
N PRO C 133 -33.92 6.04 9.08
CA PRO C 133 -34.76 5.97 7.88
C PRO C 133 -36.04 6.84 7.92
N GLU C 134 -36.43 7.36 9.09
CA GLU C 134 -37.61 8.26 9.14
C GLU C 134 -37.51 9.38 8.12
N ASN C 135 -36.35 10.04 8.07
CA ASN C 135 -36.15 11.14 7.13
C ASN C 135 -35.01 10.77 6.19
N LYS C 136 -35.35 10.46 4.95
CA LYS C 136 -34.32 10.05 4.00
C LYS C 136 -33.55 11.24 3.46
N PHE C 137 -32.36 10.97 2.96
CA PHE C 137 -31.68 11.90 2.05
C PHE C 137 -32.74 12.60 1.20
N PRO C 138 -32.57 13.92 0.99
CA PRO C 138 -31.47 14.73 1.49
C PRO C 138 -31.78 15.49 2.78
N ALA C 139 -32.69 14.99 3.62
CA ALA C 139 -33.04 15.69 4.86
C ALA C 139 -31.84 16.13 5.72
N ALA C 140 -30.91 15.22 5.99
CA ALA C 140 -29.73 15.56 6.81
C ALA C 140 -28.98 16.74 6.17
N VAL C 141 -28.80 16.68 4.86
CA VAL C 141 -28.08 17.74 4.12
C VAL C 141 -28.81 19.07 4.24
N VAL C 142 -30.12 19.05 3.98
CA VAL C 142 -30.94 20.27 4.05
C VAL C 142 -30.79 20.95 5.43
N ASP C 143 -31.00 20.16 6.49
CA ASP C 143 -30.85 20.65 7.85
C ASP C 143 -29.43 21.16 8.11
N SER C 144 -28.43 20.38 7.69
CA SER C 144 -27.05 20.75 7.98
C SER C 144 -26.71 22.07 7.30
N PHE C 145 -27.17 22.23 6.07
CA PHE C 145 -26.84 23.46 5.34
C PHE C 145 -27.66 24.63 5.88
N ASP C 146 -28.94 24.37 6.17
CA ASP C 146 -29.79 25.44 6.70
C ASP C 146 -29.18 25.96 8.01
N ALA C 147 -28.74 25.07 8.87
CA ALA C 147 -28.11 25.49 10.11
C ALA C 147 -26.84 26.32 9.88
N LEU C 148 -26.02 25.89 8.97
CA LEU C 148 -24.80 26.61 8.69
C LEU C 148 -25.09 28.00 8.16
N LYS C 149 -25.96 28.10 7.17
CA LYS C 149 -26.32 29.40 6.64
C LYS C 149 -26.83 30.32 7.74
N TRP C 150 -27.68 29.80 8.60
CA TRP C 150 -28.25 30.63 9.66
C TRP C 150 -27.19 31.07 10.68
N VAL C 151 -26.29 30.15 11.03
CA VAL C 151 -25.18 30.50 11.91
C VAL C 151 -24.28 31.56 11.29
N TYR C 152 -23.96 31.38 10.02
CA TYR C 152 -23.14 32.37 9.31
C TYR C 152 -23.82 33.76 9.29
N ASN C 153 -25.13 33.76 9.09
CA ASN C 153 -25.90 35.01 9.10
C ASN C 153 -26.16 35.62 10.47
N ASN C 154 -25.88 34.86 11.53
CA ASN C 154 -26.23 35.31 12.88
C ASN C 154 -25.11 35.12 13.89
N SER C 155 -23.89 34.97 13.38
CA SER C 155 -22.77 34.62 14.25
C SER C 155 -22.55 35.63 15.34
N GLU C 156 -22.93 36.91 15.10
CA GLU C 156 -22.78 37.95 16.12
C GLU C 156 -23.53 37.59 17.39
N LYS C 157 -24.57 36.77 17.27
CA LYS C 157 -25.29 36.31 18.47
C LYS C 157 -24.36 35.56 19.40
N PHE C 158 -23.32 34.97 18.83
CA PHE C 158 -22.41 34.12 19.58
C PHE C 158 -21.08 34.85 19.81
N ASN C 159 -21.06 36.16 19.57
CA ASN C 159 -19.81 36.91 19.50
C ASN C 159 -18.81 36.22 18.55
N GLY C 160 -19.34 35.70 17.44
CA GLY C 160 -18.54 34.95 16.49
C GLY C 160 -17.85 35.79 15.42
N LYS C 161 -16.93 36.66 15.83
CA LYS C 161 -16.33 37.60 14.89
C LYS C 161 -15.15 37.06 14.08
N TYR C 162 -14.58 35.93 14.49
CA TYR C 162 -13.37 35.43 13.84
C TYR C 162 -13.68 34.42 12.74
N GLY C 163 -14.97 34.24 12.47
CA GLY C 163 -15.41 33.49 11.28
C GLY C 163 -15.96 32.10 11.60
N ILE C 164 -16.34 31.36 10.55
CA ILE C 164 -17.10 30.12 10.70
C ILE C 164 -16.35 28.98 10.04
N ALA C 165 -16.34 27.84 10.71
CA ALA C 165 -15.77 26.61 10.15
C ALA C 165 -16.84 25.51 10.28
N VAL C 166 -16.73 24.47 9.45
CA VAL C 166 -17.58 23.25 9.61
C VAL C 166 -16.74 22.05 9.97
N GLY C 167 -17.35 21.08 10.65
CA GLY C 167 -16.60 19.90 11.06
C GLY C 167 -17.59 18.77 11.26
N GLY C 168 -17.12 17.54 11.12
CA GLY C 168 -17.90 16.38 11.56
C GLY C 168 -17.11 15.10 11.40
N ASP C 169 -17.67 14.00 11.89
CA ASP C 169 -16.99 12.72 11.85
C ASP C 169 -17.86 11.72 11.10
N SER C 170 -17.23 10.98 10.20
CA SER C 170 -17.89 9.93 9.43
C SER C 170 -19.05 10.46 8.56
N ALA C 171 -20.30 10.08 8.85
CA ALA C 171 -21.44 10.75 8.17
C ALA C 171 -21.45 12.26 8.43
N GLY C 172 -21.01 12.66 9.61
CA GLY C 172 -20.89 14.09 9.91
C GLY C 172 -19.83 14.77 9.05
N GLY C 173 -18.75 14.05 8.76
CA GLY C 173 -17.72 14.55 7.87
C GLY C 173 -18.25 14.70 6.45
N ASN C 174 -19.01 13.71 6.00
CA ASN C 174 -19.79 13.87 4.75
C ASN C 174 -20.61 15.19 4.73
N LEU C 175 -21.35 15.44 5.81
CA LEU C 175 -22.21 16.63 5.89
C LEU C 175 -21.40 17.93 5.95
N ALA C 176 -20.28 17.93 6.68
CA ALA C 176 -19.43 19.12 6.69
C ALA C 176 -18.94 19.39 5.26
N ALA C 177 -18.45 18.35 4.60
CA ALA C 177 -17.91 18.52 3.23
C ALA C 177 -19.01 19.04 2.27
N VAL C 178 -20.19 18.42 2.34
CA VAL C 178 -21.31 18.81 1.46
C VAL C 178 -21.76 20.23 1.77
N THR C 179 -21.83 20.58 3.06
CA THR C 179 -22.18 21.93 3.49
C THR C 179 -21.20 22.96 2.96
N ALA C 180 -19.90 22.61 2.99
CA ALA C 180 -18.88 23.49 2.42
C ALA C 180 -19.05 23.72 0.92
N ILE C 181 -19.42 22.67 0.19
CA ILE C 181 -19.68 22.79 -1.23
C ILE C 181 -20.91 23.68 -1.51
N LEU C 182 -21.99 23.45 -0.78
CA LEU C 182 -23.22 24.23 -0.95
C LEU C 182 -23.00 25.71 -0.60
N SER C 183 -22.06 25.98 0.31
CA SER C 183 -21.73 27.34 0.73
C SER C 183 -21.14 28.14 -0.43
N LYS C 184 -20.26 27.49 -1.17
CA LYS C 184 -19.51 28.08 -2.26
C LYS C 184 -20.48 28.63 -3.27
N LYS C 185 -21.50 27.83 -3.57
CA LYS C 185 -22.51 28.19 -4.53
C LYS C 185 -23.38 29.34 -4.02
N GLU C 186 -23.44 29.52 -2.70
CA GLU C 186 -24.27 30.54 -2.08
C GLU C 186 -23.47 31.76 -1.65
N ASN C 187 -22.19 31.77 -1.99
CA ASN C 187 -21.30 32.85 -1.57
C ASN C 187 -21.06 33.01 -0.06
N ILE C 188 -21.24 31.91 0.67
CA ILE C 188 -20.94 31.91 2.11
C ILE C 188 -19.46 31.58 2.25
N LYS C 189 -18.72 32.40 2.98
CA LYS C 189 -17.28 32.26 3.02
C LYS C 189 -16.80 31.64 4.33
N LEU C 190 -16.48 30.35 4.31
CA LEU C 190 -16.09 29.62 5.52
C LEU C 190 -14.59 29.73 5.70
N LYS C 191 -14.13 29.66 6.94
CA LYS C 191 -12.70 29.65 7.24
C LYS C 191 -12.07 28.29 6.99
N TYR C 192 -12.78 27.21 7.30
CA TYR C 192 -12.07 25.94 7.44
C TYR C 192 -13.07 24.81 7.47
N GLN C 193 -12.63 23.61 7.09
CA GLN C 193 -13.47 22.44 7.23
C GLN C 193 -12.66 21.31 7.87
N VAL C 194 -13.19 20.75 8.95
CA VAL C 194 -12.52 19.62 9.62
C VAL C 194 -13.25 18.31 9.33
N LEU C 195 -12.62 17.39 8.60
CA LEU C 195 -13.29 16.19 8.15
C LEU C 195 -12.64 15.00 8.86
N ILE C 196 -13.35 14.43 9.82
CA ILE C 196 -12.81 13.35 10.64
C ILE C 196 -13.31 12.01 10.11
N TYR C 197 -12.37 11.24 9.55
CA TYR C 197 -12.68 10.03 8.79
C TYR C 197 -14.02 10.13 8.04
N PRO C 198 -14.11 11.06 7.07
CA PRO C 198 -15.37 11.27 6.35
C PRO C 198 -15.73 10.08 5.42
N ALA C 199 -17.01 9.94 5.12
CA ALA C 199 -17.43 9.15 3.96
C ALA C 199 -17.76 10.10 2.82
N VAL C 200 -17.06 9.95 1.70
CA VAL C 200 -17.17 10.97 0.64
C VAL C 200 -17.71 10.41 -0.69
N SER C 201 -17.92 9.10 -0.75
CA SER C 201 -18.33 8.46 -1.99
C SER C 201 -18.94 7.08 -1.74
N PHE C 202 -19.90 6.69 -2.58
CA PHE C 202 -20.24 5.30 -2.74
C PHE C 202 -18.98 4.56 -3.23
N ASP C 203 -18.70 3.40 -2.69
CA ASP C 203 -17.42 2.73 -2.86
C ASP C 203 -17.57 1.22 -2.92
N LEU C 204 -17.17 0.65 -4.04
CA LEU C 204 -17.03 -0.78 -4.19
C LEU C 204 -15.61 -1.12 -4.64
N ILE C 205 -14.73 -0.16 -4.61
CA ILE C 205 -13.42 -0.32 -5.26
C ILE C 205 -12.15 -0.07 -4.46
N THR C 206 -12.20 0.74 -3.41
CA THR C 206 -10.94 1.08 -2.72
C THR C 206 -10.33 -0.14 -1.99
N LYS C 207 -9.00 -0.20 -1.99
CA LYS C 207 -8.28 -1.26 -1.31
C LYS C 207 -8.66 -1.30 0.17
N SER C 208 -8.76 -0.14 0.81
CA SER C 208 -9.07 -0.10 2.25
C SER C 208 -10.45 -0.69 2.53
N LEU C 209 -11.39 -0.51 1.59
CA LEU C 209 -12.73 -1.11 1.77
C LEU C 209 -12.64 -2.63 1.96
N TYR C 210 -11.76 -3.28 1.19
CA TYR C 210 -11.65 -4.74 1.21
C TYR C 210 -10.70 -5.20 2.30
N ASP C 211 -9.58 -4.50 2.46
CA ASP C 211 -8.64 -4.83 3.54
C ASP C 211 -9.25 -4.67 4.93
N ASN C 212 -10.07 -3.64 5.09
CA ASN C 212 -10.51 -3.21 6.42
C ASN C 212 -12.01 -3.41 6.62
N GLY C 213 -12.64 -4.07 5.66
CA GLY C 213 -14.11 -4.18 5.67
C GLY C 213 -14.69 -5.13 6.72
N GLU C 214 -13.85 -5.92 7.35
CA GLU C 214 -14.33 -6.78 8.43
C GLU C 214 -13.42 -6.68 9.63
N GLY C 215 -13.97 -6.84 10.84
CA GLY C 215 -13.13 -7.03 12.02
C GLY C 215 -12.57 -5.74 12.65
N PHE C 216 -12.91 -4.59 12.08
CA PHE C 216 -12.46 -3.31 12.61
C PHE C 216 -13.63 -2.35 12.98
N PHE C 217 -14.63 -2.88 13.67
CA PHE C 217 -15.74 -2.09 14.20
C PHE C 217 -16.71 -1.60 13.14
N LEU C 218 -16.21 -0.81 12.20
CA LEU C 218 -17.06 -0.40 11.08
C LEU C 218 -16.85 -1.39 9.94
N THR C 219 -17.92 -2.12 9.60
CA THR C 219 -17.86 -3.21 8.62
C THR C 219 -18.57 -2.85 7.32
N ARG C 220 -18.26 -3.58 6.25
CA ARG C 220 -19.02 -3.49 4.99
C ARG C 220 -20.51 -3.55 5.24
N GLU C 221 -20.93 -4.56 6.00
CA GLU C 221 -22.34 -4.78 6.27
C GLU C 221 -22.99 -3.54 6.90
N HIS C 222 -22.26 -2.89 7.80
CA HIS C 222 -22.74 -1.65 8.43
C HIS C 222 -22.89 -0.53 7.39
N ILE C 223 -21.85 -0.34 6.59
CA ILE C 223 -21.85 0.66 5.54
C ILE C 223 -23.02 0.48 4.56
N ASP C 224 -23.23 -0.77 4.14
CA ASP C 224 -24.34 -1.08 3.24
C ASP C 224 -25.66 -0.74 3.92
N TRP C 225 -25.81 -1.16 5.17
CA TRP C 225 -27.05 -0.94 5.89
C TRP C 225 -27.36 0.57 6.05
N PHE C 226 -26.39 1.35 6.51
CA PHE C 226 -26.57 2.80 6.58
C PHE C 226 -27.03 3.38 5.25
N GLY C 227 -26.40 2.94 4.17
CA GLY C 227 -26.70 3.50 2.85
C GLY C 227 -28.13 3.18 2.46
N GLN C 228 -28.57 1.95 2.76
CA GLN C 228 -29.97 1.55 2.51
C GLN C 228 -30.98 2.30 3.37
N GLN C 229 -30.63 2.62 4.61
CA GLN C 229 -31.52 3.42 5.46
C GLN C 229 -31.69 4.84 4.91
N TYR C 230 -30.62 5.40 4.35
CA TYR C 230 -30.52 6.84 4.12
C TYR C 230 -31.02 7.20 2.72
N LEU C 231 -30.60 6.44 1.71
CA LEU C 231 -30.88 6.82 0.32
C LEU C 231 -32.32 6.48 -0.09
N ARG C 232 -32.88 7.27 -1.00
CA ARG C 232 -34.21 7.02 -1.56
C ARG C 232 -34.18 6.00 -2.69
N SER C 233 -33.24 6.17 -3.61
CA SER C 233 -33.17 5.35 -4.82
C SER C 233 -31.74 5.34 -5.36
N PHE C 234 -31.49 4.46 -6.33
CA PHE C 234 -30.16 4.34 -6.89
C PHE C 234 -29.72 5.64 -7.52
N ALA C 235 -30.67 6.46 -7.97
CA ALA C 235 -30.29 7.71 -8.62
C ALA C 235 -29.60 8.67 -7.65
N ASP C 236 -29.82 8.48 -6.35
CA ASP C 236 -29.19 9.36 -5.34
C ASP C 236 -27.66 9.18 -5.36
N LEU C 237 -27.20 8.07 -5.93
CA LEU C 237 -25.77 7.81 -6.05
C LEU C 237 -25.07 8.78 -6.98
N LEU C 238 -25.84 9.48 -7.82
CA LEU C 238 -25.28 10.46 -8.77
C LEU C 238 -25.17 11.86 -8.14
N ASP C 239 -25.71 12.01 -6.93
CA ASP C 239 -25.91 13.33 -6.33
C ASP C 239 -24.65 13.66 -5.53
N PHE C 240 -24.01 14.80 -5.82
CA PHE C 240 -22.87 15.24 -5.00
C PHE C 240 -23.20 15.46 -3.52
N ARG C 241 -24.48 15.62 -3.19
CA ARG C 241 -24.86 15.85 -1.79
C ARG C 241 -24.76 14.57 -0.98
N PHE C 242 -24.76 13.44 -1.69
CA PHE C 242 -24.43 12.15 -1.10
C PHE C 242 -22.94 11.84 -1.21
N SER C 243 -22.40 11.93 -2.43
CA SER C 243 -20.97 11.73 -2.68
C SER C 243 -20.30 13.03 -3.07
N PRO C 244 -19.77 13.76 -2.09
CA PRO C 244 -19.22 15.09 -2.38
C PRO C 244 -17.97 15.03 -3.21
N ILE C 245 -17.30 13.88 -3.25
CA ILE C 245 -16.16 13.71 -4.18
C ILE C 245 -16.54 14.08 -5.63
N LEU C 246 -17.81 13.88 -5.98
CA LEU C 246 -18.30 14.17 -7.35
C LEU C 246 -18.25 15.67 -7.69
N ALA C 247 -18.30 16.52 -6.67
CA ALA C 247 -18.40 17.96 -6.91
C ALA C 247 -17.09 18.57 -7.41
N ASP C 248 -17.21 19.73 -8.05
CA ASP C 248 -16.07 20.60 -8.31
C ASP C 248 -15.60 21.23 -6.99
N LEU C 249 -14.35 20.96 -6.60
CA LEU C 249 -13.89 21.32 -5.24
C LEU C 249 -13.05 22.59 -5.25
N ASN C 250 -13.07 23.30 -6.38
CA ASN C 250 -12.41 24.60 -6.46
C ASN C 250 -12.97 25.60 -5.44
N ASP C 251 -12.10 26.41 -4.84
CA ASP C 251 -12.52 27.53 -3.98
C ASP C 251 -13.24 27.10 -2.69
N LEU C 252 -13.01 25.86 -2.25
CA LEU C 252 -13.52 25.42 -0.95
C LEU C 252 -12.60 25.90 0.17
N PRO C 253 -13.10 25.90 1.42
CA PRO C 253 -12.21 26.36 2.48
C PRO C 253 -11.08 25.35 2.70
N PRO C 254 -9.95 25.79 3.27
CA PRO C 254 -8.88 24.83 3.54
C PRO C 254 -9.34 23.80 4.58
N ALA C 255 -8.66 22.66 4.63
CA ALA C 255 -9.21 21.47 5.28
C ALA C 255 -8.15 20.80 6.16
N LEU C 256 -8.61 20.17 7.25
CA LEU C 256 -7.87 19.13 7.94
C LEU C 256 -8.67 17.85 7.72
N ILE C 257 -8.04 16.82 7.18
CA ILE C 257 -8.76 15.57 6.96
C ILE C 257 -7.99 14.49 7.70
N ILE C 258 -8.67 13.86 8.64
CA ILE C 258 -8.05 12.83 9.47
C ILE C 258 -8.58 11.50 8.96
N THR C 259 -7.67 10.57 8.67
CA THR C 259 -8.13 9.20 8.39
C THR C 259 -7.49 8.22 9.39
N ALA C 260 -8.01 6.99 9.43
CA ALA C 260 -7.51 5.95 10.35
C ALA C 260 -6.99 4.77 9.54
N GLU C 261 -5.85 4.22 9.94
CA GLU C 261 -5.21 3.18 9.16
C GLU C 261 -6.13 1.98 8.90
N HIS C 262 -6.87 1.55 9.93
CA HIS C 262 -7.70 0.34 9.81
C HIS C 262 -9.19 0.60 9.52
N ASP C 263 -9.47 1.71 8.83
CA ASP C 263 -10.83 2.12 8.51
C ASP C 263 -11.12 1.75 7.05
N PRO C 264 -12.27 1.10 6.79
CA PRO C 264 -12.63 0.88 5.37
C PRO C 264 -12.79 2.19 4.59
N LEU C 265 -13.08 3.30 5.30
CA LEU C 265 -13.23 4.63 4.66
C LEU C 265 -11.93 5.38 4.37
N ARG C 266 -10.80 4.76 4.75
CA ARG C 266 -9.52 5.44 4.75
C ARG C 266 -9.13 5.96 3.38
N ASP C 267 -9.11 5.06 2.39
CA ASP C 267 -8.66 5.50 1.07
C ASP C 267 -9.52 6.64 0.50
N GLN C 268 -10.84 6.48 0.60
CA GLN C 268 -11.70 7.53 0.04
C GLN C 268 -11.55 8.88 0.73
N GLY C 269 -11.29 8.88 2.04
CA GLY C 269 -11.00 10.14 2.71
C GLY C 269 -9.71 10.78 2.22
N GLU C 270 -8.69 9.96 1.97
CA GLU C 270 -7.44 10.49 1.43
C GLU C 270 -7.58 10.97 -0.01
N ALA C 271 -8.47 10.32 -0.77
CA ALA C 271 -8.79 10.74 -2.13
C ALA C 271 -9.43 12.14 -2.15
N TYR C 272 -10.31 12.41 -1.19
CA TYR C 272 -10.93 13.75 -1.11
C TYR C 272 -9.89 14.84 -0.88
N ALA C 273 -8.91 14.54 -0.03
CA ALA C 273 -7.80 15.48 0.18
C ALA C 273 -7.07 15.69 -1.13
N ASN C 274 -6.75 14.58 -1.81
CA ASN C 274 -6.00 14.67 -3.07
C ASN C 274 -6.76 15.54 -4.09
N LYS C 275 -8.07 15.36 -4.16
CA LYS C 275 -8.86 16.12 -5.14
C LYS C 275 -9.00 17.59 -4.73
N LEU C 276 -9.06 17.86 -3.42
CA LEU C 276 -8.99 19.24 -2.93
C LEU C 276 -7.68 19.90 -3.37
N LEU C 277 -6.58 19.18 -3.16
CA LEU C 277 -5.27 19.71 -3.51
C LEU C 277 -5.20 19.97 -5.01
N GLN C 278 -5.72 19.03 -5.80
CA GLN C 278 -5.75 19.19 -7.27
C GLN C 278 -6.58 20.41 -7.67
N SER C 279 -7.51 20.79 -6.80
CA SER C 279 -8.41 21.90 -7.07
C SER C 279 -7.91 23.23 -6.50
N GLY C 280 -6.66 23.25 -6.03
CA GLY C 280 -6.04 24.47 -5.51
C GLY C 280 -6.31 24.79 -4.05
N VAL C 281 -6.92 23.86 -3.32
CA VAL C 281 -7.32 24.13 -1.92
C VAL C 281 -6.27 23.57 -0.98
N GLN C 282 -5.92 24.29 0.09
CA GLN C 282 -4.88 23.82 1.02
C GLN C 282 -5.49 22.77 1.96
N VAL C 283 -4.86 21.60 2.06
CA VAL C 283 -5.37 20.54 2.92
C VAL C 283 -4.23 19.83 3.65
N THR C 284 -4.42 19.65 4.95
CA THR C 284 -3.54 18.78 5.70
C THR C 284 -4.25 17.44 5.92
N SER C 285 -3.74 16.40 5.27
CA SER C 285 -4.33 15.06 5.29
C SER C 285 -3.45 14.18 6.16
N VAL C 286 -3.98 13.70 7.27
CA VAL C 286 -3.16 12.95 8.22
C VAL C 286 -3.80 11.58 8.51
N ARG C 287 -3.06 10.52 8.27
CA ARG C 287 -3.53 9.16 8.58
C ARG C 287 -2.99 8.77 9.94
N PHE C 288 -3.89 8.63 10.90
CA PHE C 288 -3.53 8.05 12.19
C PHE C 288 -3.36 6.54 12.10
N ASN C 289 -2.12 6.07 12.29
CA ASN C 289 -1.82 4.65 12.18
C ASN C 289 -2.25 3.87 13.42
N ASN C 290 -2.43 2.56 13.26
CA ASN C 290 -2.74 1.67 14.40
C ASN C 290 -4.09 1.89 15.09
N VAL C 291 -5.02 2.58 14.43
CA VAL C 291 -6.32 2.86 15.03
C VAL C 291 -7.44 2.54 14.06
N ILE C 292 -8.66 2.47 14.58
CA ILE C 292 -9.78 2.07 13.77
C ILE C 292 -10.68 3.28 13.54
N HIS C 293 -11.61 3.14 12.61
CA HIS C 293 -12.70 4.12 12.48
C HIS C 293 -13.36 4.37 13.85
N GLY C 294 -13.64 5.64 14.16
CA GLY C 294 -14.32 6.03 15.40
C GLY C 294 -13.37 6.38 16.53
N PHE C 295 -12.06 6.31 16.28
CA PHE C 295 -11.10 6.44 17.37
C PHE C 295 -11.12 7.83 18.03
N VAL C 296 -11.56 8.85 17.30
CA VAL C 296 -11.65 10.18 17.91
C VAL C 296 -12.77 10.23 18.97
N SER C 297 -13.87 9.54 18.70
CA SER C 297 -14.95 9.43 19.71
C SER C 297 -14.51 8.72 20.99
N PHE C 298 -13.51 7.85 20.86
CA PHE C 298 -13.04 7.08 22.00
C PHE C 298 -11.83 7.73 22.67
N PHE C 299 -11.71 9.06 22.54
CA PHE C 299 -10.59 9.81 23.09
C PHE C 299 -10.32 9.56 24.58
N PRO C 300 -11.37 9.26 25.36
CA PRO C 300 -11.09 9.02 26.79
C PRO C 300 -10.25 7.76 27.07
N PHE C 301 -10.23 6.80 26.16
CA PHE C 301 -9.41 5.60 26.34
C PHE C 301 -8.35 5.34 25.25
N ILE C 302 -8.45 6.03 24.12
CA ILE C 302 -7.53 5.80 23.01
C ILE C 302 -6.71 7.09 22.84
N GLU C 303 -5.46 7.07 23.27
CA GLU C 303 -4.68 8.30 23.43
C GLU C 303 -4.55 9.02 22.07
N GLN C 304 -4.45 8.23 21.01
CA GLN C 304 -4.39 8.82 19.65
C GLN C 304 -5.61 9.70 19.35
N GLY C 305 -6.77 9.33 19.91
CA GLY C 305 -7.99 10.14 19.78
C GLY C 305 -7.87 11.51 20.43
N ARG C 306 -7.25 11.54 21.60
CA ARG C 306 -6.92 12.77 22.32
C ARG C 306 -5.91 13.60 21.52
N ASP C 307 -4.92 12.93 20.94
CA ASP C 307 -3.91 13.63 20.11
C ASP C 307 -4.54 14.23 18.83
N ALA C 308 -5.50 13.51 18.25
CA ALA C 308 -6.26 14.07 17.11
C ALA C 308 -7.07 15.32 17.47
N ILE C 309 -7.74 15.30 18.61
CA ILE C 309 -8.45 16.48 19.12
C ILE C 309 -7.49 17.63 19.36
N GLY C 310 -6.28 17.32 19.84
CA GLY C 310 -5.21 18.30 20.01
C GLY C 310 -4.83 18.96 18.70
N LEU C 311 -4.76 18.14 17.64
CA LEU C 311 -4.43 18.65 16.30
C LEU C 311 -5.57 19.46 15.75
N ILE C 312 -6.79 19.00 15.97
CA ILE C 312 -7.94 19.79 15.55
C ILE C 312 -7.95 21.15 16.25
N GLY C 313 -7.62 21.17 17.54
CA GLY C 313 -7.61 22.42 18.30
C GLY C 313 -6.54 23.35 17.75
N TYR C 314 -5.39 22.77 17.45
CA TYR C 314 -4.30 23.57 16.91
C TYR C 314 -4.66 24.26 15.58
N VAL C 315 -5.22 23.52 14.62
CA VAL C 315 -5.52 24.11 13.32
C VAL C 315 -6.62 25.15 13.37
N LEU C 316 -7.60 24.97 14.25
CA LEU C 316 -8.69 25.94 14.34
C LEU C 316 -8.28 27.19 15.13
N ARG C 317 -7.47 27.02 16.18
CA ARG C 317 -6.89 28.19 16.85
C ARG C 317 -6.04 29.00 15.87
N LYS C 318 -5.25 28.30 15.04
CA LYS C 318 -4.43 28.94 14.01
C LYS C 318 -5.30 29.74 13.03
N VAL C 319 -6.29 29.09 12.43
CA VAL C 319 -7.12 29.77 11.45
C VAL C 319 -8.00 30.89 12.03
N PHE C 320 -8.57 30.67 13.21
CA PHE C 320 -9.46 31.70 13.77
C PHE C 320 -8.63 32.90 14.31
N TYR C 321 -7.61 32.61 15.08
CA TYR C 321 -6.94 33.57 15.93
C TYR C 321 -5.50 33.92 15.54
N GLY C 322 -4.94 33.19 14.62
CA GLY C 322 -3.57 33.42 14.25
C GLY C 322 -2.66 32.79 15.26
N LYS C 323 -3.25 32.08 16.21
CA LYS C 323 -2.62 31.05 17.02
C LYS C 323 -3.04 30.84 18.47
N ALA D 41 -3.17 16.30 -33.14
CA ALA D 41 -3.71 14.96 -32.79
C ALA D 41 -5.23 14.97 -32.72
N SER D 42 -5.88 14.70 -33.85
CA SER D 42 -7.30 14.38 -33.84
C SER D 42 -7.49 12.88 -33.61
N VAL D 43 -8.74 12.47 -33.33
CA VAL D 43 -9.06 11.06 -33.10
C VAL D 43 -8.53 10.16 -34.22
N GLU D 44 -8.94 10.48 -35.45
CA GLU D 44 -8.46 9.77 -36.63
C GLU D 44 -6.93 9.63 -36.68
N GLU D 45 -6.23 10.74 -36.45
CA GLU D 45 -4.77 10.73 -36.49
C GLU D 45 -4.22 9.73 -35.49
N ILE D 46 -4.59 9.94 -34.23
CA ILE D 46 -4.05 9.15 -33.13
C ILE D 46 -4.38 7.66 -33.28
N ARG D 47 -5.55 7.36 -33.82
CA ARG D 47 -5.85 5.99 -34.22
C ARG D 47 -4.80 5.46 -35.19
N SER D 48 -4.51 6.25 -36.21
CA SER D 48 -3.73 5.74 -37.34
C SER D 48 -2.26 5.61 -36.97
N LEU D 49 -1.80 6.39 -35.99
CA LEU D 49 -0.42 6.30 -35.52
C LEU D 49 -0.19 5.01 -34.72
N PHE D 50 -1.09 4.72 -33.78
CA PHE D 50 -1.14 3.41 -33.13
C PHE D 50 -1.18 2.25 -34.13
N LYS D 51 -1.95 2.42 -35.22
CA LYS D 51 -1.95 1.46 -36.31
C LYS D 51 -0.57 1.27 -36.96
N GLN D 52 0.22 2.34 -37.00
CA GLN D 52 1.55 2.26 -37.61
C GLN D 52 2.52 1.52 -36.69
N PHE D 53 2.66 1.99 -35.47
CA PHE D 53 3.44 1.34 -34.46
C PHE D 53 3.29 -0.17 -34.49
N SER D 54 2.05 -0.61 -34.47
CA SER D 54 1.70 -2.02 -34.50
C SER D 54 2.14 -2.73 -35.80
N SER D 55 2.22 -1.98 -36.91
CA SER D 55 2.60 -2.56 -38.20
C SER D 55 4.05 -3.02 -38.24
N LEU D 56 4.90 -2.35 -37.47
CA LEU D 56 6.33 -2.68 -37.44
C LEU D 56 6.64 -3.85 -36.49
N THR D 57 5.65 -4.25 -35.71
CA THR D 57 5.78 -5.39 -34.79
C THR D 57 5.79 -6.70 -35.56
N PRO D 58 6.76 -7.59 -35.26
CA PRO D 58 6.78 -8.91 -35.89
C PRO D 58 5.62 -9.79 -35.44
N ARG D 59 5.10 -10.60 -36.36
CA ARG D 59 3.87 -11.35 -36.13
C ARG D 59 4.23 -12.83 -36.08
N GLU D 60 3.85 -13.50 -34.99
CA GLU D 60 3.95 -14.96 -34.92
C GLU D 60 3.05 -15.63 -35.94
N GLU D 61 3.60 -16.62 -36.62
CA GLU D 61 2.83 -17.56 -37.40
C GLU D 61 1.77 -18.20 -36.51
N VAL D 62 0.56 -18.29 -37.02
CA VAL D 62 -0.44 -19.16 -36.43
C VAL D 62 -0.83 -20.23 -37.45
N GLY D 63 -1.79 -21.07 -37.10
CA GLY D 63 -2.22 -22.14 -38.00
C GLY D 63 -2.98 -21.65 -39.23
N LYS D 64 -3.85 -20.67 -39.04
CA LYS D 64 -4.48 -19.99 -40.16
C LYS D 64 -5.42 -18.92 -39.63
N ILE D 65 -5.80 -18.01 -40.52
CA ILE D 65 -6.59 -16.83 -40.14
C ILE D 65 -7.79 -16.61 -41.10
N GLU D 66 -8.98 -16.48 -40.53
CA GLU D 66 -10.17 -16.16 -41.33
C GLU D 66 -10.90 -14.93 -40.80
N ASP D 67 -11.08 -13.94 -41.68
CA ASP D 67 -11.94 -12.80 -41.37
C ASP D 67 -13.40 -13.09 -41.66
N ILE D 68 -14.25 -12.79 -40.68
CA ILE D 68 -15.68 -13.06 -40.79
C ILE D 68 -16.49 -11.79 -40.46
N THR D 69 -17.78 -11.81 -40.80
CA THR D 69 -18.65 -10.68 -40.51
C THR D 69 -19.89 -11.23 -39.79
N ILE D 70 -20.04 -10.86 -38.51
CA ILE D 70 -21.08 -11.41 -37.65
C ILE D 70 -22.27 -10.45 -37.77
N PRO D 71 -23.48 -10.98 -37.98
CA PRO D 71 -24.63 -10.08 -38.09
C PRO D 71 -25.09 -9.60 -36.71
N GLY D 72 -24.65 -8.41 -36.30
CA GLY D 72 -25.05 -7.87 -35.00
C GLY D 72 -26.47 -7.32 -35.06
N SER D 73 -27.08 -7.11 -33.89
CA SER D 73 -28.40 -6.48 -33.80
C SER D 73 -28.43 -5.06 -34.35
N GLU D 74 -27.31 -4.34 -34.28
CA GLU D 74 -27.27 -2.93 -34.73
C GLU D 74 -26.33 -2.69 -35.89
N THR D 75 -25.42 -3.64 -36.11
CA THR D 75 -24.40 -3.43 -37.13
C THR D 75 -23.82 -4.75 -37.59
N ASN D 76 -23.15 -4.74 -38.73
CA ASN D 76 -22.31 -5.89 -39.11
C ASN D 76 -20.99 -5.79 -38.38
N ILE D 77 -20.59 -6.86 -37.70
CA ILE D 77 -19.40 -6.82 -36.85
C ILE D 77 -18.26 -7.62 -37.46
N LYS D 78 -17.19 -6.95 -37.85
CA LYS D 78 -15.99 -7.66 -38.30
C LYS D 78 -15.27 -8.37 -37.13
N ALA D 79 -14.80 -9.58 -37.39
CA ALA D 79 -14.00 -10.31 -36.40
C ALA D 79 -12.95 -11.11 -37.15
N ARG D 80 -11.75 -11.16 -36.57
CA ARG D 80 -10.71 -12.05 -37.10
C ARG D 80 -10.56 -13.30 -36.25
N VAL D 81 -10.66 -14.47 -36.91
CA VAL D 81 -10.57 -15.77 -36.26
C VAL D 81 -9.17 -16.37 -36.46
N TYR D 82 -8.44 -16.55 -35.37
CA TYR D 82 -7.09 -17.11 -35.39
C TYR D 82 -7.16 -18.57 -34.97
N TYR D 83 -6.64 -19.48 -35.81
CA TYR D 83 -6.52 -20.90 -35.40
C TYR D 83 -5.09 -21.19 -34.99
N PRO D 84 -4.91 -22.02 -33.96
CA PRO D 84 -3.57 -22.41 -33.56
C PRO D 84 -2.99 -23.45 -34.54
N LYS D 85 -1.73 -23.85 -34.33
CA LYS D 85 -1.10 -24.84 -35.19
C LYS D 85 -1.45 -26.29 -34.84
N THR D 86 -2.01 -26.50 -33.64
CA THR D 86 -2.51 -27.83 -33.29
C THR D 86 -3.80 -28.09 -34.05
N GLN D 87 -4.20 -29.35 -34.17
CA GLN D 87 -5.53 -29.64 -34.68
C GLN D 87 -6.56 -29.69 -33.56
N GLY D 88 -7.83 -29.49 -33.91
CA GLY D 88 -8.91 -29.42 -32.93
C GLY D 88 -9.35 -30.78 -32.43
N PRO D 89 -10.52 -30.83 -31.76
CA PRO D 89 -11.35 -29.66 -31.51
C PRO D 89 -10.66 -28.64 -30.57
N TYR D 90 -11.29 -27.48 -30.41
CA TYR D 90 -10.68 -26.36 -29.70
C TYR D 90 -11.56 -25.83 -28.56
N GLY D 91 -10.97 -25.03 -27.69
CA GLY D 91 -11.73 -24.00 -26.99
C GLY D 91 -11.65 -22.72 -27.80
N VAL D 92 -12.60 -21.82 -27.56
CA VAL D 92 -12.63 -20.55 -28.29
C VAL D 92 -12.56 -19.40 -27.29
N LEU D 93 -11.62 -18.48 -27.54
CA LEU D 93 -11.55 -17.23 -26.78
C LEU D 93 -12.06 -16.09 -27.64
N VAL D 94 -13.13 -15.46 -27.19
CA VAL D 94 -13.62 -14.25 -27.82
C VAL D 94 -12.95 -13.05 -27.15
N TYR D 95 -12.22 -12.26 -27.94
CA TYR D 95 -11.29 -11.28 -27.39
C TYR D 95 -11.70 -9.88 -27.80
N TYR D 96 -11.66 -8.95 -26.84
CA TYR D 96 -12.04 -7.56 -27.08
C TYR D 96 -10.85 -6.66 -26.82
N HIS D 97 -10.35 -6.01 -27.87
CA HIS D 97 -9.19 -5.13 -27.75
C HIS D 97 -9.42 -3.95 -26.79
N GLY D 98 -8.33 -3.41 -26.26
CA GLY D 98 -8.39 -2.19 -25.46
C GLY D 98 -8.16 -0.95 -26.32
N GLY D 99 -7.95 0.19 -25.66
CA GLY D 99 -7.87 1.48 -26.35
C GLY D 99 -8.91 2.49 -25.89
N GLY D 100 -9.50 2.25 -24.72
CA GLY D 100 -10.36 3.27 -24.09
C GLY D 100 -11.71 3.51 -24.76
N PHE D 101 -12.21 2.51 -25.49
CA PHE D 101 -13.43 2.59 -26.28
C PHE D 101 -13.34 3.51 -27.49
N VAL D 102 -12.14 4.02 -27.76
CA VAL D 102 -11.95 5.05 -28.77
C VAL D 102 -10.90 4.63 -29.81
N LEU D 103 -9.90 3.89 -29.36
CA LEU D 103 -8.76 3.48 -30.17
C LEU D 103 -8.62 1.96 -30.26
N GLY D 104 -7.62 1.52 -30.97
CA GLY D 104 -7.43 0.09 -31.23
C GLY D 104 -8.35 -0.44 -32.33
N ASP D 105 -8.01 -1.61 -32.86
CA ASP D 105 -8.85 -2.30 -33.81
C ASP D 105 -8.22 -3.65 -34.05
N ILE D 106 -8.83 -4.48 -34.91
CA ILE D 106 -8.30 -5.81 -35.22
C ILE D 106 -6.84 -5.81 -35.68
N GLU D 107 -6.48 -4.86 -36.54
CA GLU D 107 -5.16 -4.91 -37.17
C GLU D 107 -4.10 -4.52 -36.16
N SER D 108 -4.39 -3.50 -35.34
CA SER D 108 -3.42 -3.03 -34.37
C SER D 108 -3.24 -4.00 -33.20
N TYR D 109 -4.23 -4.90 -33.02
CA TYR D 109 -4.12 -5.92 -31.99
C TYR D 109 -3.70 -7.28 -32.53
N ASP D 110 -3.45 -7.35 -33.84
CA ASP D 110 -3.17 -8.63 -34.51
C ASP D 110 -1.93 -9.33 -33.91
N PRO D 111 -0.88 -8.56 -33.60
CA PRO D 111 0.28 -9.26 -33.02
C PRO D 111 -0.04 -9.91 -31.67
N LEU D 112 -0.78 -9.21 -30.81
CA LEU D 112 -1.13 -9.77 -29.52
C LEU D 112 -2.04 -11.00 -29.67
N CYS D 113 -3.04 -10.92 -30.54
CA CYS D 113 -3.98 -12.02 -30.66
C CYS D 113 -3.31 -13.26 -31.25
N ARG D 114 -2.36 -13.06 -32.17
CA ARG D 114 -1.52 -14.19 -32.61
C ARG D 114 -0.74 -14.83 -31.43
N ALA D 115 -0.11 -14.02 -30.61
CA ALA D 115 0.67 -14.53 -29.47
C ALA D 115 -0.22 -15.32 -28.50
N ILE D 116 -1.40 -14.78 -28.26
CA ILE D 116 -2.36 -15.42 -27.35
C ILE D 116 -2.85 -16.76 -27.90
N THR D 117 -3.17 -16.76 -29.19
CA THR D 117 -3.57 -17.98 -29.90
C THR D 117 -2.56 -19.11 -29.70
N ASN D 118 -1.29 -18.82 -29.96
CA ASN D 118 -0.23 -19.83 -29.87
C ASN D 118 0.01 -20.24 -28.43
N SER D 119 -0.14 -19.29 -27.51
CA SER D 119 -0.02 -19.62 -26.10
C SER D 119 -1.16 -20.48 -25.54
N CYS D 120 -2.42 -20.13 -25.84
CA CYS D 120 -3.58 -20.90 -25.34
C CYS D 120 -3.86 -22.16 -26.15
N GLN D 121 -3.24 -22.27 -27.33
CA GLN D 121 -3.59 -23.28 -28.33
C GLN D 121 -5.10 -23.43 -28.56
N CYS D 122 -5.73 -22.28 -28.69
CA CYS D 122 -7.18 -22.19 -28.78
C CYS D 122 -7.54 -21.25 -29.94
N VAL D 123 -8.77 -21.35 -30.45
CA VAL D 123 -9.22 -20.38 -31.45
C VAL D 123 -9.48 -19.03 -30.76
N THR D 124 -8.88 -17.96 -31.30
CA THR D 124 -9.10 -16.61 -30.77
C THR D 124 -9.87 -15.78 -31.78
N ILE D 125 -10.98 -15.19 -31.35
CA ILE D 125 -11.80 -14.37 -32.22
C ILE D 125 -11.79 -12.91 -31.78
N SER D 126 -11.01 -12.10 -32.51
CA SER D 126 -10.83 -10.71 -32.13
C SER D 126 -11.96 -9.87 -32.76
N VAL D 127 -12.73 -9.19 -31.89
CA VAL D 127 -13.95 -8.48 -32.30
C VAL D 127 -13.70 -6.99 -32.58
N ASP D 128 -14.12 -6.50 -33.75
CA ASP D 128 -14.06 -5.07 -34.07
C ASP D 128 -15.36 -4.40 -33.62
N TYR D 129 -15.52 -4.20 -32.32
CA TYR D 129 -16.71 -3.51 -31.82
C TYR D 129 -16.68 -2.02 -32.20
N ARG D 130 -17.85 -1.38 -32.27
CA ARG D 130 -17.94 0.03 -32.69
C ARG D 130 -17.25 0.93 -31.69
N LEU D 131 -16.61 1.98 -32.20
CA LEU D 131 -15.78 2.85 -31.39
C LEU D 131 -16.48 4.17 -31.11
N ALA D 132 -16.16 4.77 -29.95
CA ALA D 132 -16.48 6.18 -29.67
C ALA D 132 -15.40 7.15 -30.16
N PRO D 133 -15.74 8.45 -30.34
CA PRO D 133 -17.00 9.15 -30.04
C PRO D 133 -18.09 8.95 -31.10
N GLU D 134 -17.73 8.46 -32.28
CA GLU D 134 -18.73 8.19 -33.33
C GLU D 134 -19.89 7.37 -32.81
N ASN D 135 -19.58 6.29 -32.11
CA ASN D 135 -20.63 5.42 -31.56
C ASN D 135 -20.53 5.37 -30.03
N LYS D 136 -21.43 6.08 -29.36
CA LYS D 136 -21.36 6.20 -27.91
C LYS D 136 -21.83 4.92 -27.25
N PHE D 137 -21.44 4.73 -25.99
CA PHE D 137 -22.04 3.73 -25.13
C PHE D 137 -23.56 3.69 -25.37
N PRO D 138 -24.15 2.50 -25.43
CA PRO D 138 -23.58 1.20 -25.17
C PRO D 138 -23.19 0.44 -26.46
N ALA D 139 -22.83 1.16 -27.52
CA ALA D 139 -22.55 0.51 -28.82
C ALA D 139 -21.52 -0.63 -28.68
N ALA D 140 -20.40 -0.33 -28.01
CA ALA D 140 -19.31 -1.30 -27.88
C ALA D 140 -19.81 -2.53 -27.17
N VAL D 141 -20.64 -2.32 -26.15
CA VAL D 141 -21.18 -3.42 -25.36
C VAL D 141 -22.15 -4.26 -26.20
N VAL D 142 -23.02 -3.60 -26.95
CA VAL D 142 -24.03 -4.34 -27.72
C VAL D 142 -23.28 -5.22 -28.74
N ASP D 143 -22.28 -4.66 -29.37
CA ASP D 143 -21.53 -5.38 -30.39
C ASP D 143 -20.76 -6.54 -29.74
N SER D 144 -20.16 -6.29 -28.57
CA SER D 144 -19.37 -7.33 -27.90
C SER D 144 -20.23 -8.50 -27.48
N PHE D 145 -21.42 -8.20 -26.97
CA PHE D 145 -22.33 -9.24 -26.55
C PHE D 145 -22.94 -9.97 -27.76
N ASP D 146 -23.33 -9.22 -28.80
CA ASP D 146 -23.90 -9.84 -30.02
C ASP D 146 -22.86 -10.81 -30.61
N ALA D 147 -21.60 -10.39 -30.65
CA ALA D 147 -20.52 -11.26 -31.13
C ALA D 147 -20.37 -12.55 -30.34
N LEU D 148 -20.32 -12.43 -29.01
CA LEU D 148 -20.25 -13.59 -28.12
C LEU D 148 -21.42 -14.53 -28.30
N LYS D 149 -22.63 -13.98 -28.27
CA LYS D 149 -23.84 -14.78 -28.46
C LYS D 149 -23.81 -15.58 -29.78
N TRP D 150 -23.34 -14.96 -30.85
CA TRP D 150 -23.28 -15.60 -32.17
C TRP D 150 -22.20 -16.70 -32.22
N VAL D 151 -21.03 -16.41 -31.64
CA VAL D 151 -19.95 -17.41 -31.55
C VAL D 151 -20.41 -18.60 -30.72
N TYR D 152 -21.05 -18.31 -29.59
CA TYR D 152 -21.61 -19.36 -28.75
C TYR D 152 -22.60 -20.25 -29.53
N ASN D 153 -23.50 -19.64 -30.28
CA ASN D 153 -24.53 -20.39 -31.01
C ASN D 153 -24.00 -21.07 -32.26
N ASN D 154 -22.81 -20.68 -32.69
CA ASN D 154 -22.21 -21.21 -33.91
C ASN D 154 -20.86 -21.89 -33.63
N SER D 155 -20.67 -22.40 -32.43
CA SER D 155 -19.35 -22.88 -32.01
C SER D 155 -18.80 -23.97 -32.93
N GLU D 156 -19.70 -24.67 -33.63
CA GLU D 156 -19.29 -25.75 -34.53
C GLU D 156 -18.54 -25.28 -35.77
N LYS D 157 -18.77 -24.03 -36.19
CA LYS D 157 -17.97 -23.45 -37.26
C LYS D 157 -16.49 -23.48 -36.90
N PHE D 158 -16.20 -23.45 -35.60
CA PHE D 158 -14.84 -23.25 -35.14
C PHE D 158 -14.30 -24.55 -34.56
N ASN D 159 -15.09 -25.63 -34.69
CA ASN D 159 -14.82 -26.88 -33.99
C ASN D 159 -14.57 -26.63 -32.49
N GLY D 160 -15.41 -25.78 -31.91
CA GLY D 160 -15.19 -25.27 -30.54
C GLY D 160 -15.90 -26.09 -29.48
N LYS D 161 -15.68 -27.40 -29.49
CA LYS D 161 -16.40 -28.30 -28.60
C LYS D 161 -16.02 -28.09 -27.12
N TYR D 162 -14.84 -27.53 -26.86
CA TYR D 162 -14.38 -27.45 -25.48
C TYR D 162 -14.91 -26.21 -24.78
N GLY D 163 -15.62 -25.36 -25.51
CA GLY D 163 -16.39 -24.27 -24.93
C GLY D 163 -15.80 -22.90 -25.25
N ILE D 164 -16.39 -21.86 -24.66
CA ILE D 164 -16.14 -20.49 -25.04
C ILE D 164 -15.70 -19.71 -23.79
N ALA D 165 -14.64 -18.92 -23.93
CA ALA D 165 -14.19 -17.99 -22.89
C ALA D 165 -14.24 -16.58 -23.47
N VAL D 166 -14.26 -15.57 -22.60
CA VAL D 166 -14.08 -14.17 -23.04
C VAL D 166 -12.81 -13.56 -22.45
N GLY D 167 -12.23 -12.60 -23.14
CA GLY D 167 -11.07 -11.93 -22.60
C GLY D 167 -10.89 -10.56 -23.23
N GLY D 168 -10.08 -9.71 -22.60
CA GLY D 168 -9.77 -8.41 -23.18
C GLY D 168 -8.92 -7.59 -22.25
N ASP D 169 -8.32 -6.53 -22.78
CA ASP D 169 -7.42 -5.70 -22.00
C ASP D 169 -8.00 -4.29 -21.84
N SER D 170 -7.95 -3.78 -20.61
CA SER D 170 -8.34 -2.39 -20.33
C SER D 170 -9.84 -2.11 -20.61
N ALA D 171 -10.18 -1.23 -21.54
CA ALA D 171 -11.55 -1.19 -22.12
C ALA D 171 -12.08 -2.54 -22.60
N GLY D 172 -11.17 -3.37 -23.13
CA GLY D 172 -11.55 -4.69 -23.63
C GLY D 172 -11.81 -5.63 -22.46
N GLY D 173 -11.14 -5.40 -21.34
CA GLY D 173 -11.40 -6.18 -20.13
C GLY D 173 -12.74 -5.81 -19.54
N ASN D 174 -13.04 -4.52 -19.59
CA ASN D 174 -14.38 -4.02 -19.25
C ASN D 174 -15.45 -4.75 -20.08
N LEU D 175 -15.24 -4.83 -21.40
CA LEU D 175 -16.21 -5.48 -22.28
C LEU D 175 -16.34 -6.98 -22.00
N ALA D 176 -15.22 -7.66 -21.76
CA ALA D 176 -15.27 -9.07 -21.47
C ALA D 176 -16.01 -9.30 -20.15
N ALA D 177 -15.72 -8.50 -19.13
CA ALA D 177 -16.44 -8.62 -17.84
C ALA D 177 -17.94 -8.39 -18.04
N VAL D 178 -18.29 -7.35 -18.80
CA VAL D 178 -19.71 -7.03 -19.02
C VAL D 178 -20.41 -8.12 -19.85
N THR D 179 -19.69 -8.65 -20.83
CA THR D 179 -20.21 -9.71 -21.66
C THR D 179 -20.49 -10.95 -20.83
N ALA D 180 -19.64 -11.23 -19.85
CA ALA D 180 -19.87 -12.39 -18.96
C ALA D 180 -21.13 -12.20 -18.11
N ILE D 181 -21.35 -10.98 -17.64
CA ILE D 181 -22.51 -10.68 -16.79
C ILE D 181 -23.79 -10.85 -17.61
N LEU D 182 -23.79 -10.29 -18.81
CA LEU D 182 -24.93 -10.41 -19.71
C LEU D 182 -25.22 -11.85 -20.14
N SER D 183 -24.17 -12.66 -20.26
CA SER D 183 -24.31 -14.06 -20.61
C SER D 183 -25.09 -14.82 -19.56
N LYS D 184 -24.84 -14.49 -18.29
CA LYS D 184 -25.38 -15.26 -17.20
C LYS D 184 -26.88 -15.02 -17.13
N LYS D 185 -27.26 -13.78 -17.42
CA LYS D 185 -28.66 -13.39 -17.52
C LYS D 185 -29.42 -14.18 -18.57
N GLU D 186 -28.72 -14.67 -19.57
CA GLU D 186 -29.36 -15.35 -20.71
C GLU D 186 -28.95 -16.81 -20.76
N ASN D 187 -28.41 -17.31 -19.66
CA ASN D 187 -28.07 -18.73 -19.57
C ASN D 187 -27.03 -19.20 -20.59
N ILE D 188 -26.19 -18.29 -21.05
CA ILE D 188 -25.01 -18.63 -21.84
C ILE D 188 -23.86 -19.01 -20.92
N LYS D 189 -23.36 -20.23 -21.08
CA LYS D 189 -22.51 -20.87 -20.08
C LYS D 189 -21.05 -20.82 -20.51
N LEU D 190 -20.36 -19.76 -20.09
CA LEU D 190 -18.98 -19.53 -20.47
C LEU D 190 -18.02 -20.35 -19.61
N LYS D 191 -16.84 -20.64 -20.15
CA LYS D 191 -15.85 -21.43 -19.41
C LYS D 191 -15.02 -20.58 -18.46
N TYR D 192 -14.67 -19.37 -18.90
CA TYR D 192 -13.58 -18.60 -18.24
C TYR D 192 -13.68 -17.15 -18.71
N GLN D 193 -13.14 -16.23 -17.90
CA GLN D 193 -12.99 -14.86 -18.35
C GLN D 193 -11.57 -14.37 -17.98
N VAL D 194 -10.85 -13.84 -18.98
CA VAL D 194 -9.50 -13.32 -18.80
C VAL D 194 -9.55 -11.81 -18.84
N LEU D 195 -9.32 -11.16 -17.70
CA LEU D 195 -9.43 -9.72 -17.64
C LEU D 195 -8.05 -9.10 -17.45
N ILE D 196 -7.58 -8.42 -18.49
CA ILE D 196 -6.22 -7.89 -18.47
C ILE D 196 -6.22 -6.40 -18.14
N TYR D 197 -5.71 -6.06 -16.96
CA TYR D 197 -5.85 -4.72 -16.39
C TYR D 197 -7.15 -4.02 -16.78
N PRO D 198 -8.29 -4.56 -16.35
CA PRO D 198 -9.58 -4.04 -16.80
C PRO D 198 -9.93 -2.72 -16.12
N ALA D 199 -10.74 -1.90 -16.79
CA ALA D 199 -11.45 -0.79 -16.13
C ALA D 199 -12.83 -1.27 -15.74
N VAL D 200 -13.14 -1.30 -14.45
CA VAL D 200 -14.40 -1.91 -14.01
C VAL D 200 -15.35 -0.93 -13.32
N SER D 201 -14.93 0.33 -13.19
CA SER D 201 -15.75 1.31 -12.47
C SER D 201 -15.33 2.72 -12.81
N PHE D 202 -16.30 3.62 -12.77
CA PHE D 202 -16.01 5.03 -12.62
C PHE D 202 -15.22 5.18 -11.32
N ASP D 203 -14.18 5.99 -11.31
CA ASP D 203 -13.25 6.07 -10.18
C ASP D 203 -12.69 7.46 -9.88
N LEU D 204 -13.01 7.94 -8.70
CA LEU D 204 -12.42 9.15 -8.15
C LEU D 204 -11.73 8.94 -6.79
N ILE D 205 -11.62 7.70 -6.36
CA ILE D 205 -11.29 7.38 -5.00
C ILE D 205 -10.16 6.35 -4.73
N THR D 206 -9.86 5.48 -5.68
CA THR D 206 -8.84 4.47 -5.34
C THR D 206 -7.47 5.12 -5.15
N LYS D 207 -6.66 4.58 -4.24
CA LYS D 207 -5.30 5.10 -4.04
C LYS D 207 -4.45 5.04 -5.32
N SER D 208 -4.57 3.96 -6.09
CA SER D 208 -3.73 3.78 -7.28
C SER D 208 -4.06 4.79 -8.36
N LEU D 209 -5.31 5.25 -8.42
CA LEU D 209 -5.69 6.34 -9.33
C LEU D 209 -4.79 7.56 -9.12
N TYR D 210 -4.60 7.94 -7.86
CA TYR D 210 -3.79 9.11 -7.53
C TYR D 210 -2.30 8.80 -7.54
N ASP D 211 -1.88 7.68 -6.97
CA ASP D 211 -0.45 7.34 -6.94
C ASP D 211 0.13 7.17 -8.35
N ASN D 212 -0.68 6.61 -9.25
CA ASN D 212 -0.20 6.16 -10.57
C ASN D 212 -0.80 6.98 -11.71
N GLY D 213 -1.53 8.04 -11.37
CA GLY D 213 -2.31 8.75 -12.37
C GLY D 213 -1.52 9.70 -13.25
N GLU D 214 -0.25 9.94 -12.93
CA GLU D 214 0.64 10.65 -13.86
C GLU D 214 1.94 9.89 -14.07
N GLY D 215 2.50 9.98 -15.28
CA GLY D 215 3.88 9.58 -15.52
C GLY D 215 4.07 8.08 -15.77
N PHE D 216 2.96 7.37 -16.00
CA PHE D 216 3.03 5.94 -16.25
C PHE D 216 2.13 5.62 -17.44
N PHE D 217 2.28 6.41 -18.51
CA PHE D 217 1.62 6.13 -19.78
C PHE D 217 0.11 6.39 -19.84
N LEU D 218 -0.63 5.71 -18.97
CA LEU D 218 -2.07 5.91 -18.88
C LEU D 218 -2.28 6.91 -17.75
N THR D 219 -2.82 8.08 -18.08
CA THR D 219 -2.89 9.21 -17.13
C THR D 219 -4.35 9.50 -16.75
N ARG D 220 -4.54 10.11 -15.58
CA ARG D 220 -5.80 10.77 -15.21
C ARG D 220 -6.48 11.41 -16.41
N GLU D 221 -5.75 12.31 -17.06
CA GLU D 221 -6.27 13.07 -18.19
C GLU D 221 -6.81 12.16 -19.27
N HIS D 222 -6.09 11.07 -19.56
CA HIS D 222 -6.54 10.15 -20.62
C HIS D 222 -7.82 9.46 -20.17
N ILE D 223 -7.86 9.03 -18.92
CA ILE D 223 -9.01 8.28 -18.42
C ILE D 223 -10.27 9.14 -18.51
N ASP D 224 -10.14 10.38 -18.06
CA ASP D 224 -11.19 11.39 -18.22
C ASP D 224 -11.66 11.51 -19.67
N TRP D 225 -10.71 11.73 -20.58
CA TRP D 225 -11.03 12.03 -21.97
C TRP D 225 -11.73 10.83 -22.64
N PHE D 226 -11.26 9.61 -22.34
CA PHE D 226 -11.93 8.41 -22.83
C PHE D 226 -13.37 8.33 -22.35
N GLY D 227 -13.59 8.50 -21.04
CA GLY D 227 -14.95 8.56 -20.49
C GLY D 227 -15.84 9.59 -21.19
N GLN D 228 -15.28 10.75 -21.50
CA GLN D 228 -16.06 11.82 -22.14
C GLN D 228 -16.43 11.48 -23.59
N GLN D 229 -15.56 10.74 -24.28
CA GLN D 229 -15.89 10.26 -25.63
C GLN D 229 -16.97 9.20 -25.64
N TYR D 230 -16.94 8.34 -24.62
CA TYR D 230 -17.70 7.09 -24.63
C TYR D 230 -19.13 7.26 -24.09
N LEU D 231 -19.29 7.94 -22.96
CA LEU D 231 -20.59 7.96 -22.28
C LEU D 231 -21.56 8.96 -22.92
N ARG D 232 -22.86 8.70 -22.81
CA ARG D 232 -23.90 9.61 -23.31
C ARG D 232 -24.18 10.73 -22.30
N SER D 233 -24.49 10.33 -21.07
CA SER D 233 -24.84 11.26 -20.00
C SER D 233 -24.34 10.71 -18.66
N PHE D 234 -24.54 11.48 -17.60
CA PHE D 234 -24.10 11.09 -16.27
C PHE D 234 -24.89 9.90 -15.80
N ALA D 235 -26.10 9.75 -16.32
CA ALA D 235 -26.95 8.63 -15.98
C ALA D 235 -26.27 7.28 -16.25
N ASP D 236 -25.40 7.26 -17.26
CA ASP D 236 -24.73 6.00 -17.65
C ASP D 236 -23.76 5.52 -16.57
N LEU D 237 -23.37 6.42 -15.68
CA LEU D 237 -22.57 6.03 -14.51
C LEU D 237 -23.27 5.06 -13.57
N LEU D 238 -24.60 5.00 -13.66
CA LEU D 238 -25.36 4.04 -12.87
C LEU D 238 -25.42 2.66 -13.52
N ASP D 239 -24.91 2.54 -14.75
CA ASP D 239 -25.18 1.36 -15.60
C ASP D 239 -24.08 0.30 -15.41
N PHE D 240 -24.44 -0.89 -14.95
CA PHE D 240 -23.43 -1.95 -14.75
C PHE D 240 -22.70 -2.29 -16.06
N ARG D 241 -23.31 -1.91 -17.19
CA ARG D 241 -22.72 -2.19 -18.50
C ARG D 241 -21.56 -1.25 -18.77
N PHE D 242 -21.50 -0.15 -18.00
CA PHE D 242 -20.31 0.72 -17.97
C PHE D 242 -19.37 0.38 -16.81
N SER D 243 -19.95 0.13 -15.64
CA SER D 243 -19.19 -0.24 -14.44
C SER D 243 -19.63 -1.60 -13.92
N PRO D 244 -19.02 -2.69 -14.42
CA PRO D 244 -19.50 -4.02 -14.07
C PRO D 244 -19.34 -4.35 -12.58
N ILE D 245 -18.52 -3.59 -11.85
CA ILE D 245 -18.42 -3.80 -10.39
C ILE D 245 -19.80 -3.67 -9.70
N LEU D 246 -20.68 -2.89 -10.31
CA LEU D 246 -22.04 -2.69 -9.79
C LEU D 246 -22.90 -3.93 -9.81
N ALA D 247 -22.60 -4.84 -10.73
CA ALA D 247 -23.46 -5.98 -10.96
C ALA D 247 -23.35 -6.99 -9.83
N ASP D 248 -24.38 -7.81 -9.69
CA ASP D 248 -24.30 -9.06 -8.94
C ASP D 248 -23.37 -10.05 -9.66
N LEU D 249 -22.25 -10.42 -9.03
CA LEU D 249 -21.24 -11.24 -9.71
C LEU D 249 -21.34 -12.73 -9.42
N ASN D 250 -22.40 -13.14 -8.71
CA ASN D 250 -22.69 -14.56 -8.51
C ASN D 250 -22.71 -15.35 -9.81
N ASP D 251 -22.13 -16.54 -9.79
CA ASP D 251 -22.31 -17.52 -10.86
C ASP D 251 -21.65 -17.15 -12.19
N LEU D 252 -20.68 -16.22 -12.13
CA LEU D 252 -19.93 -15.86 -13.32
C LEU D 252 -18.84 -16.90 -13.53
N PRO D 253 -18.32 -16.99 -14.77
CA PRO D 253 -17.25 -17.94 -14.98
C PRO D 253 -15.99 -17.57 -14.18
N PRO D 254 -15.17 -18.59 -13.85
CA PRO D 254 -13.92 -18.36 -13.16
C PRO D 254 -13.00 -17.45 -13.98
N ALA D 255 -12.09 -16.75 -13.29
CA ALA D 255 -11.42 -15.59 -13.87
C ALA D 255 -9.90 -15.63 -13.63
N LEU D 256 -9.14 -15.18 -14.63
CA LEU D 256 -7.78 -14.68 -14.42
C LEU D 256 -7.82 -13.16 -14.53
N ILE D 257 -7.36 -12.48 -13.48
CA ILE D 257 -7.32 -11.02 -13.52
C ILE D 257 -5.88 -10.55 -13.31
N ILE D 258 -5.35 -9.86 -14.31
CA ILE D 258 -3.98 -9.38 -14.27
C ILE D 258 -4.03 -7.88 -14.04
N THR D 259 -3.34 -7.42 -13.00
CA THR D 259 -3.19 -6.00 -12.80
C THR D 259 -1.70 -5.65 -12.91
N ALA D 260 -1.39 -4.35 -12.93
CA ALA D 260 -0.03 -3.88 -13.07
C ALA D 260 0.28 -2.96 -11.90
N GLU D 261 1.42 -3.17 -11.25
CA GLU D 261 1.75 -2.38 -10.06
C GLU D 261 1.56 -0.88 -10.26
N HIS D 262 2.01 -0.35 -11.40
CA HIS D 262 2.03 1.11 -11.62
C HIS D 262 0.90 1.59 -12.55
N ASP D 263 -0.25 0.94 -12.48
CA ASP D 263 -1.37 1.30 -13.32
C ASP D 263 -2.39 2.05 -12.43
N PRO D 264 -2.88 3.22 -12.88
CA PRO D 264 -3.99 3.82 -12.11
C PRO D 264 -5.19 2.90 -11.92
N LEU D 265 -5.39 1.93 -12.80
CA LEU D 265 -6.53 1.03 -12.74
C LEU D 265 -6.29 -0.17 -11.81
N ARG D 266 -5.10 -0.23 -11.21
CA ARG D 266 -4.70 -1.41 -10.48
C ARG D 266 -5.69 -1.76 -9.35
N ASP D 267 -5.98 -0.81 -8.46
CA ASP D 267 -6.78 -1.13 -7.28
C ASP D 267 -8.18 -1.62 -7.70
N GLN D 268 -8.78 -0.95 -8.69
CA GLN D 268 -10.16 -1.33 -9.05
C GLN D 268 -10.20 -2.70 -9.73
N GLY D 269 -9.12 -3.07 -10.43
CA GLY D 269 -9.02 -4.41 -10.97
C GLY D 269 -8.97 -5.45 -9.87
N GLU D 270 -8.18 -5.18 -8.82
CA GLU D 270 -8.08 -6.09 -7.70
C GLU D 270 -9.38 -6.09 -6.89
N ALA D 271 -10.09 -4.97 -6.88
CA ALA D 271 -11.44 -4.94 -6.28
C ALA D 271 -12.40 -5.89 -7.00
N TYR D 272 -12.37 -5.87 -8.33
CA TYR D 272 -13.25 -6.77 -9.08
C TYR D 272 -12.97 -8.24 -8.75
N ALA D 273 -11.69 -8.60 -8.62
CA ALA D 273 -11.32 -9.94 -8.23
C ALA D 273 -11.93 -10.28 -6.85
N ASN D 274 -11.74 -9.36 -5.90
CA ASN D 274 -12.25 -9.56 -4.53
C ASN D 274 -13.77 -9.71 -4.50
N LYS D 275 -14.47 -8.91 -5.29
CA LYS D 275 -15.94 -9.02 -5.34
C LYS D 275 -16.40 -10.34 -5.98
N LEU D 276 -15.71 -10.78 -7.04
CA LEU D 276 -15.91 -12.14 -7.56
C LEU D 276 -15.75 -13.22 -6.47
N LEU D 277 -14.60 -13.21 -5.79
CA LEU D 277 -14.36 -14.15 -4.70
C LEU D 277 -15.48 -14.10 -3.68
N GLN D 278 -15.83 -12.89 -3.24
CA GLN D 278 -16.89 -12.73 -2.24
C GLN D 278 -18.17 -13.36 -2.76
N SER D 279 -18.28 -13.46 -4.09
CA SER D 279 -19.52 -13.86 -4.74
C SER D 279 -19.48 -15.34 -5.08
N GLY D 280 -18.48 -16.04 -4.54
CA GLY D 280 -18.31 -17.46 -4.75
C GLY D 280 -17.68 -17.88 -6.06
N VAL D 281 -17.04 -16.96 -6.78
CA VAL D 281 -16.42 -17.33 -8.07
C VAL D 281 -14.92 -17.55 -7.86
N GLN D 282 -14.32 -18.58 -8.46
CA GLN D 282 -12.88 -18.75 -8.38
C GLN D 282 -12.15 -17.73 -9.26
N VAL D 283 -11.21 -17.00 -8.65
CA VAL D 283 -10.39 -16.05 -9.41
C VAL D 283 -8.93 -16.09 -9.02
N THR D 284 -8.06 -16.14 -10.02
CA THR D 284 -6.63 -15.96 -9.78
C THR D 284 -6.29 -14.54 -10.13
N SER D 285 -6.02 -13.75 -9.11
CA SER D 285 -5.72 -12.30 -9.25
C SER D 285 -4.21 -12.16 -9.11
N VAL D 286 -3.54 -11.71 -10.17
CA VAL D 286 -2.09 -11.60 -10.15
C VAL D 286 -1.64 -10.18 -10.51
N ARG D 287 -0.92 -9.55 -9.59
CA ARG D 287 -0.37 -8.23 -9.85
C ARG D 287 1.03 -8.38 -10.41
N PHE D 288 1.24 -7.99 -11.65
CA PHE D 288 2.59 -7.95 -12.20
C PHE D 288 3.28 -6.68 -11.73
N ASN D 289 4.38 -6.86 -11.02
CA ASN D 289 5.10 -5.74 -10.40
C ASN D 289 6.05 -5.10 -11.42
N ASN D 290 6.42 -3.85 -11.17
CA ASN D 290 7.45 -3.13 -11.92
C ASN D 290 7.04 -2.76 -13.34
N VAL D 291 5.75 -2.93 -13.65
CA VAL D 291 5.27 -2.64 -15.00
C VAL D 291 4.14 -1.63 -14.98
N ILE D 292 3.86 -1.05 -16.14
CA ILE D 292 2.83 -0.03 -16.26
C ILE D 292 1.61 -0.60 -16.98
N HIS D 293 0.50 0.14 -16.96
CA HIS D 293 -0.62 -0.15 -17.84
C HIS D 293 -0.15 -0.42 -19.26
N GLY D 294 -0.78 -1.40 -19.93
CA GLY D 294 -0.49 -1.72 -21.32
C GLY D 294 0.66 -2.70 -21.56
N PHE D 295 1.38 -3.07 -20.51
CA PHE D 295 2.60 -3.87 -20.65
C PHE D 295 2.41 -5.16 -21.44
N VAL D 296 1.20 -5.73 -21.44
CA VAL D 296 0.99 -6.98 -22.18
C VAL D 296 1.04 -6.74 -23.70
N SER D 297 0.58 -5.57 -24.13
CA SER D 297 0.65 -5.20 -25.55
C SER D 297 2.08 -5.01 -26.04
N PHE D 298 3.00 -4.68 -25.12
CA PHE D 298 4.40 -4.46 -25.48
C PHE D 298 5.26 -5.70 -25.19
N PHE D 299 4.64 -6.88 -25.24
CA PHE D 299 5.35 -8.15 -25.04
C PHE D 299 6.67 -8.37 -25.82
N PRO D 300 6.78 -7.83 -27.05
CA PRO D 300 8.05 -8.02 -27.78
C PRO D 300 9.27 -7.42 -27.08
N PHE D 301 9.09 -6.39 -26.26
CA PHE D 301 10.21 -5.79 -25.54
C PHE D 301 10.06 -5.69 -24.01
N ILE D 302 8.90 -6.04 -23.47
CA ILE D 302 8.74 -6.11 -22.01
C ILE D 302 8.50 -7.58 -21.69
N GLU D 303 9.54 -8.29 -21.23
CA GLU D 303 9.47 -9.72 -21.02
C GLU D 303 8.35 -10.12 -20.04
N GLN D 304 8.06 -9.26 -19.06
CA GLN D 304 6.93 -9.56 -18.15
C GLN D 304 5.61 -9.69 -18.95
N GLY D 305 5.51 -8.94 -20.05
CA GLY D 305 4.34 -9.06 -20.93
C GLY D 305 4.22 -10.42 -21.60
N ARG D 306 5.36 -10.91 -22.07
CA ARG D 306 5.43 -12.24 -22.65
C ARG D 306 5.04 -13.30 -21.60
N ASP D 307 5.56 -13.15 -20.38
CA ASP D 307 5.22 -14.04 -19.29
C ASP D 307 3.74 -13.97 -18.90
N ALA D 308 3.15 -12.78 -18.95
CA ALA D 308 1.68 -12.66 -18.78
C ALA D 308 0.93 -13.47 -19.82
N ILE D 309 1.37 -13.40 -21.06
CA ILE D 309 0.74 -14.18 -22.14
C ILE D 309 0.91 -15.68 -21.93
N GLY D 310 2.07 -16.08 -21.40
CA GLY D 310 2.24 -17.49 -20.99
C GLY D 310 1.24 -17.95 -19.93
N LEU D 311 1.02 -17.12 -18.92
CA LEU D 311 0.07 -17.41 -17.86
C LEU D 311 -1.37 -17.51 -18.40
N ILE D 312 -1.72 -16.56 -19.28
CA ILE D 312 -3.02 -16.57 -19.95
C ILE D 312 -3.18 -17.88 -20.71
N GLY D 313 -2.12 -18.31 -21.38
CA GLY D 313 -2.15 -19.55 -22.17
C GLY D 313 -2.31 -20.77 -21.28
N TYR D 314 -1.61 -20.77 -20.14
CA TYR D 314 -1.75 -21.86 -19.19
C TYR D 314 -3.18 -22.00 -18.65
N VAL D 315 -3.78 -20.91 -18.17
CA VAL D 315 -5.09 -21.03 -17.56
C VAL D 315 -6.14 -21.47 -18.58
N LEU D 316 -6.04 -20.98 -19.80
CA LEU D 316 -7.02 -21.41 -20.82
C LEU D 316 -6.80 -22.86 -21.30
N ARG D 317 -5.54 -23.29 -21.45
CA ARG D 317 -5.26 -24.70 -21.73
C ARG D 317 -5.77 -25.60 -20.60
N LYS D 318 -5.64 -25.13 -19.37
CA LYS D 318 -6.13 -25.87 -18.21
C LYS D 318 -7.65 -26.06 -18.30
N VAL D 319 -8.38 -24.97 -18.49
CA VAL D 319 -9.83 -25.02 -18.40
C VAL D 319 -10.44 -25.69 -19.64
N PHE D 320 -9.84 -25.47 -20.79
CA PHE D 320 -10.36 -26.06 -22.05
C PHE D 320 -9.99 -27.53 -22.16
N TYR D 321 -8.73 -27.85 -21.88
CA TYR D 321 -8.15 -29.12 -22.30
C TYR D 321 -7.75 -30.00 -21.11
N GLY D 322 -7.86 -29.47 -19.90
CA GLY D 322 -7.38 -30.17 -18.72
C GLY D 322 -5.86 -30.12 -18.59
N LYS D 323 -5.19 -29.35 -19.42
CA LYS D 323 -3.75 -29.35 -19.45
C LYS D 323 -3.19 -28.70 -18.22
#